data_6JP9
#
_entry.id   6JP9
#
_cell.length_a   82.180
_cell.length_b   100.430
_cell.length_c   157.590
_cell.angle_alpha   90.00
_cell.angle_beta   90.00
_cell.angle_gamma   90.00
#
_symmetry.space_group_name_H-M   'P 21 21 21'
#
loop_
_entity.id
_entity.type
_entity.pdbx_description
1 polymer 'GMP synthase [glutamine-hydrolyzing] subunit B'
2 non-polymer "XANTHOSINE-5'-MONOPHOSPHATE"
3 non-polymer 'TRIETHYLENE GLYCOL'
4 non-polymer 'MALONIC ACID'
5 water water
#
_entity_poly.entity_id   1
_entity_poly.type   'polypeptide(L)'
_entity_poly.pdbx_seq_one_letter_code
;MFDPKKFIDEAVEEIKQQISDRKAIIALSGGVDSSVAAVLTHKAIGDKLTAVFVDTGLMRKGEREEVEKTFRDKLGLNLI
VVDAKDRFLNALKGVTDPEEKRKIIGKLFIDVFEEIAEDIKAEVLVQGTIAPDWIETQGKIKSHHNVALPHGMVLEVVEP
LRELYKDEVRLLAKELGLPDSIVYRQPFPGPGLAVRVLGEVTEEKLNICREANAIVEEEVKKANLDKDLWQYFAVVLDCK
ATGVKGDEREYNWIVALRMVKSLDAMTAHVPEIPFDLLKRISKRITSEIPNVARVVFDITDKPPATIEFE
;
_entity_poly.pdbx_strand_id   A,B,C,D
#
# COMPACT_ATOMS: atom_id res chain seq x y z
N MET A 1 -28.46 20.96 -30.09
CA MET A 1 -27.05 20.56 -29.77
C MET A 1 -26.18 21.79 -29.48
N PHE A 2 -25.76 21.90 -28.23
CA PHE A 2 -25.01 23.04 -27.68
C PHE A 2 -23.64 23.22 -28.38
N ASP A 3 -23.25 24.48 -28.54
CA ASP A 3 -22.07 24.94 -29.27
C ASP A 3 -21.10 25.67 -28.32
N PRO A 4 -20.03 25.00 -27.88
CA PRO A 4 -19.11 25.63 -26.91
C PRO A 4 -18.45 26.91 -27.44
N LYS A 5 -17.84 26.80 -28.63
CA LYS A 5 -17.14 27.92 -29.32
C LYS A 5 -17.95 29.22 -29.42
N LYS A 6 -19.23 29.07 -29.73
CA LYS A 6 -20.16 30.21 -29.85
C LYS A 6 -20.47 30.78 -28.47
N PHE A 7 -20.71 29.89 -27.52
CA PHE A 7 -21.03 30.27 -26.17
C PHE A 7 -19.90 31.07 -25.56
N ILE A 8 -18.65 30.64 -25.76
CA ILE A 8 -17.49 31.36 -25.28
C ILE A 8 -17.43 32.83 -25.78
N ASP A 9 -17.68 33.08 -27.07
CA ASP A 9 -17.67 34.47 -27.62
C ASP A 9 -18.83 35.32 -27.12
N GLU A 10 -20.01 34.72 -26.96
CA GLU A 10 -21.20 35.42 -26.45
C GLU A 10 -21.07 35.73 -24.96
N ALA A 11 -20.54 34.75 -24.21
CA ALA A 11 -20.38 34.86 -22.75
C ALA A 11 -19.30 35.89 -22.39
N VAL A 12 -18.13 35.75 -23.01
CA VAL A 12 -17.00 36.66 -22.80
C VAL A 12 -17.39 38.11 -23.09
N GLU A 13 -18.16 38.33 -24.14
CA GLU A 13 -18.70 39.67 -24.47
C GLU A 13 -19.69 40.20 -23.41
N GLU A 14 -20.58 39.32 -22.93
CA GLU A 14 -21.57 39.62 -21.89
C GLU A 14 -20.87 39.89 -20.53
N ILE A 15 -19.86 39.09 -20.17
CA ILE A 15 -19.10 39.27 -18.91
C ILE A 15 -18.42 40.67 -18.88
N LYS A 16 -17.59 40.97 -19.89
CA LYS A 16 -17.01 42.34 -20.09
C LYS A 16 -17.99 43.50 -19.80
N GLN A 17 -19.18 43.41 -20.39
CA GLN A 17 -20.16 44.48 -20.35
C GLN A 17 -20.87 44.58 -18.98
N GLN A 18 -21.27 43.45 -18.39
CA GLN A 18 -21.89 43.46 -17.06
C GLN A 18 -20.89 43.95 -15.98
N ILE A 19 -19.63 43.54 -16.13
CA ILE A 19 -18.56 43.82 -15.16
C ILE A 19 -17.99 45.22 -15.31
N SER A 20 -17.56 45.52 -16.54
CA SER A 20 -16.98 46.85 -16.93
C SER A 20 -15.51 46.94 -16.52
N ASP A 21 -15.07 48.10 -16.04
CA ASP A 21 -13.68 48.28 -15.60
C ASP A 21 -13.39 47.68 -14.19
N ARG A 22 -14.44 47.26 -13.46
CA ARG A 22 -14.40 46.98 -12.03
C ARG A 22 -13.68 45.66 -11.61
N LYS A 23 -13.30 45.59 -10.33
CA LYS A 23 -12.57 44.45 -9.79
C LYS A 23 -13.54 43.32 -9.39
N ALA A 24 -13.20 42.10 -9.83
CA ALA A 24 -14.06 40.95 -9.59
C ALA A 24 -13.31 39.91 -8.81
N ILE A 25 -14.06 39.15 -8.06
CA ILE A 25 -13.47 38.08 -7.28
C ILE A 25 -14.30 36.78 -7.42
N ILE A 26 -13.62 35.63 -7.36
CA ILE A 26 -14.28 34.32 -7.42
C ILE A 26 -13.65 33.31 -6.44
N ALA A 27 -14.49 32.45 -5.84
CA ALA A 27 -13.90 31.30 -5.13
C ALA A 27 -13.68 30.10 -6.03
N LEU A 28 -12.42 29.68 -6.17
CA LEU A 28 -12.10 28.36 -6.76
C LEU A 28 -12.29 27.21 -5.74
N SER A 29 -13.33 26.42 -5.95
CA SER A 29 -13.50 25.08 -5.25
C SER A 29 -12.62 23.90 -5.77
N GLY A 30 -12.01 24.04 -6.96
CA GLY A 30 -11.43 22.90 -7.68
C GLY A 30 -12.44 22.12 -8.53
N GLY A 31 -13.74 22.37 -8.37
CA GLY A 31 -14.77 21.82 -9.26
C GLY A 31 -14.86 22.51 -10.62
N VAL A 32 -15.60 21.85 -11.51
CA VAL A 32 -15.64 22.22 -12.92
C VAL A 32 -16.37 23.54 -13.15
N ASP A 33 -17.45 23.78 -12.40
CA ASP A 33 -18.33 24.92 -12.56
C ASP A 33 -17.59 26.22 -12.25
N SER A 34 -17.03 26.31 -11.04
CA SER A 34 -16.23 27.50 -10.66
C SER A 34 -14.98 27.62 -11.54
N SER A 35 -14.37 26.50 -11.88
CA SER A 35 -13.17 26.51 -12.76
C SER A 35 -13.50 27.17 -14.12
N VAL A 36 -14.67 26.82 -14.70
CA VAL A 36 -15.11 27.35 -15.98
C VAL A 36 -15.48 28.85 -15.94
N ALA A 37 -16.25 29.25 -14.95
CA ALA A 37 -16.58 30.64 -14.72
C ALA A 37 -15.34 31.51 -14.50
N ALA A 38 -14.31 30.94 -13.87
CA ALA A 38 -13.08 31.66 -13.63
C ALA A 38 -12.37 31.86 -14.95
N VAL A 39 -12.26 30.79 -15.73
CA VAL A 39 -11.59 30.91 -17.00
C VAL A 39 -12.31 31.85 -17.97
N LEU A 40 -13.63 31.74 -18.07
CA LEU A 40 -14.42 32.67 -18.90
C LEU A 40 -14.19 34.08 -18.50
N THR A 41 -14.40 34.34 -17.20
CA THR A 41 -14.18 35.66 -16.63
C THR A 41 -12.77 36.20 -16.87
N HIS A 42 -11.76 35.34 -16.78
CA HIS A 42 -10.38 35.74 -17.07
C HIS A 42 -10.11 36.10 -18.53
N LYS A 43 -10.84 35.50 -19.47
CA LYS A 43 -10.76 35.92 -20.88
C LYS A 43 -11.41 37.28 -21.10
N ALA A 44 -12.44 37.60 -20.31
CA ALA A 44 -13.18 38.86 -20.39
C ALA A 44 -12.44 40.08 -19.83
N ILE A 45 -11.89 39.96 -18.62
CA ILE A 45 -11.34 41.12 -17.91
C ILE A 45 -9.88 40.96 -17.48
N GLY A 46 -9.18 39.93 -17.97
CA GLY A 46 -7.79 39.64 -17.56
C GLY A 46 -7.51 39.87 -16.07
N ASP A 47 -6.44 40.63 -15.79
CA ASP A 47 -5.95 40.90 -14.41
C ASP A 47 -6.94 41.60 -13.42
N LYS A 48 -8.11 42.03 -13.87
CA LYS A 48 -9.17 42.54 -12.95
C LYS A 48 -9.91 41.42 -12.16
N LEU A 49 -9.63 40.16 -12.51
CA LEU A 49 -10.21 39.03 -11.75
C LEU A 49 -9.16 38.59 -10.75
N THR A 50 -9.60 38.48 -9.50
CA THR A 50 -8.88 37.75 -8.46
C THR A 50 -9.59 36.41 -8.16
N ALA A 51 -8.89 35.32 -8.42
CA ALA A 51 -9.35 33.96 -8.02
C ALA A 51 -8.75 33.62 -6.66
N VAL A 52 -9.58 33.13 -5.75
CA VAL A 52 -9.19 32.84 -4.38
C VAL A 52 -9.34 31.32 -4.17
N PHE A 53 -8.28 30.67 -3.70
CA PHE A 53 -8.34 29.25 -3.24
C PHE A 53 -8.10 29.25 -1.74
N VAL A 54 -9.15 28.93 -0.97
CA VAL A 54 -8.92 28.79 0.45
C VAL A 54 -8.50 27.34 0.73
N ASP A 55 -7.25 27.14 1.16
CA ASP A 55 -6.82 25.82 1.55
C ASP A 55 -7.26 25.57 3.00
N THR A 56 -8.42 24.93 3.15
CA THR A 56 -9.00 24.63 4.44
C THR A 56 -8.32 23.41 5.14
N GLY A 57 -7.46 22.70 4.44
CA GLY A 57 -6.88 21.44 4.93
C GLY A 57 -7.86 20.27 4.87
N LEU A 58 -9.07 20.52 4.33
CA LEU A 58 -10.14 19.55 4.22
C LEU A 58 -10.38 19.05 2.79
N MET A 59 -9.50 19.42 1.86
CA MET A 59 -9.66 19.13 0.44
C MET A 59 -8.96 17.77 0.20
N ARG A 60 -9.11 17.26 -1.02
CA ARG A 60 -8.44 16.02 -1.40
C ARG A 60 -6.94 16.26 -1.51
N LYS A 61 -6.17 15.22 -1.30
CA LYS A 61 -4.75 15.30 -1.40
C LYS A 61 -4.31 15.98 -2.70
N GLY A 62 -3.37 16.91 -2.66
CA GLY A 62 -2.82 17.51 -3.89
C GLY A 62 -3.72 18.62 -4.48
N GLU A 63 -4.86 18.95 -3.87
CA GLU A 63 -5.76 19.94 -4.49
C GLU A 63 -5.15 21.32 -4.71
N ARG A 64 -4.54 21.90 -3.67
CA ARG A 64 -3.94 23.22 -3.75
C ARG A 64 -2.93 23.29 -4.92
N GLU A 65 -2.13 22.24 -5.03
CA GLU A 65 -1.02 22.18 -6.00
C GLU A 65 -1.56 22.08 -7.39
N GLU A 66 -2.60 21.26 -7.58
CA GLU A 66 -3.29 21.21 -8.88
C GLU A 66 -3.93 22.56 -9.23
N VAL A 67 -4.53 23.27 -8.27
CA VAL A 67 -5.14 24.58 -8.59
C VAL A 67 -4.05 25.55 -9.01
N GLU A 68 -2.92 25.51 -8.32
CA GLU A 68 -1.78 26.39 -8.59
C GLU A 68 -1.29 26.24 -10.00
N LYS A 69 -0.90 25.01 -10.34
CA LYS A 69 -0.40 24.66 -11.66
C LYS A 69 -1.39 24.97 -12.79
N THR A 70 -2.68 24.72 -12.56
CA THR A 70 -3.69 24.90 -13.59
C THR A 70 -4.02 26.37 -13.79
N PHE A 71 -4.38 27.08 -12.71
CA PHE A 71 -4.93 28.44 -12.77
C PHE A 71 -3.91 29.58 -12.73
N ARG A 72 -2.84 29.42 -11.96
CA ARG A 72 -1.76 30.42 -11.91
C ARG A 72 -0.77 30.14 -13.04
N ASP A 73 -0.15 28.96 -13.04
CA ASP A 73 0.90 28.63 -14.03
C ASP A 73 0.41 28.43 -15.46
N LYS A 74 -0.55 27.54 -15.66
CA LYS A 74 -1.04 27.31 -17.02
C LYS A 74 -1.94 28.45 -17.57
N LEU A 75 -2.90 28.98 -16.81
CA LEU A 75 -3.80 30.01 -17.38
C LEU A 75 -3.48 31.46 -17.11
N GLY A 76 -2.57 31.72 -16.19
CA GLY A 76 -2.14 33.08 -15.84
C GLY A 76 -3.15 33.92 -15.07
N LEU A 77 -4.04 33.29 -14.30
CA LEU A 77 -5.02 34.08 -13.54
C LEU A 77 -4.31 34.69 -12.37
N ASN A 78 -4.85 35.77 -11.84
CA ASN A 78 -4.42 36.28 -10.52
C ASN A 78 -4.95 35.38 -9.41
N LEU A 79 -4.10 34.48 -8.90
CA LEU A 79 -4.54 33.53 -7.88
C LEU A 79 -3.97 33.92 -6.50
N ILE A 80 -4.85 34.14 -5.54
CA ILE A 80 -4.46 34.15 -4.13
C ILE A 80 -4.83 32.79 -3.49
N VAL A 81 -3.84 32.16 -2.86
CA VAL A 81 -4.03 30.98 -2.02
C VAL A 81 -3.88 31.32 -0.54
N VAL A 82 -4.91 31.15 0.26
CA VAL A 82 -4.87 31.39 1.68
C VAL A 82 -4.66 30.02 2.35
N ASP A 83 -3.57 29.89 3.07
CA ASP A 83 -3.29 28.72 3.87
C ASP A 83 -4.04 28.85 5.23
N ALA A 84 -5.24 28.25 5.30
CA ALA A 84 -6.09 28.33 6.48
C ALA A 84 -6.24 26.99 7.18
N LYS A 85 -5.28 26.08 7.00
CA LYS A 85 -5.39 24.68 7.52
C LYS A 85 -5.53 24.64 9.06
N ASP A 86 -4.51 25.24 9.70
CA ASP A 86 -4.45 25.35 11.15
C ASP A 86 -5.68 26.05 11.61
N ARG A 87 -6.08 27.08 10.89
CA ARG A 87 -7.26 27.82 11.28
C ARG A 87 -8.54 26.96 11.28
N PHE A 88 -8.83 26.24 10.20
CA PHE A 88 -10.01 25.37 10.18
C PHE A 88 -9.94 24.20 11.21
N LEU A 89 -8.77 23.60 11.37
CA LEU A 89 -8.57 22.47 12.29
C LEU A 89 -8.82 22.95 13.73
N ASN A 90 -8.20 24.09 14.08
CA ASN A 90 -8.40 24.72 15.41
C ASN A 90 -9.89 25.04 15.67
N ALA A 91 -10.58 25.58 14.67
CA ALA A 91 -12.06 25.84 14.80
C ALA A 91 -12.98 24.62 15.01
N LEU A 92 -12.53 23.44 14.53
CA LEU A 92 -13.31 22.19 14.65
C LEU A 92 -12.94 21.33 15.89
N LYS A 93 -11.93 21.76 16.66
CA LYS A 93 -11.53 21.12 17.93
C LYS A 93 -12.77 20.86 18.76
N GLY A 94 -12.92 19.62 19.22
CA GLY A 94 -14.05 19.23 20.05
C GLY A 94 -15.39 19.07 19.39
N VAL A 95 -15.49 19.36 18.09
CA VAL A 95 -16.81 19.42 17.43
C VAL A 95 -17.18 18.08 16.74
N THR A 96 -18.26 17.51 17.25
CA THR A 96 -18.72 16.18 16.84
C THR A 96 -20.10 16.23 16.24
N ASP A 97 -20.85 17.32 16.44
CA ASP A 97 -22.09 17.50 15.76
C ASP A 97 -21.85 17.80 14.24
N PRO A 98 -22.43 16.98 13.35
CA PRO A 98 -22.28 17.24 11.91
C PRO A 98 -22.89 18.54 11.41
N GLU A 99 -24.06 18.94 11.91
CA GLU A 99 -24.66 20.28 11.67
C GLU A 99 -23.67 21.37 12.05
N GLU A 100 -23.10 21.24 13.24
CA GLU A 100 -22.16 22.24 13.70
C GLU A 100 -20.87 22.26 12.89
N LYS A 101 -20.44 21.09 12.43
CA LYS A 101 -19.30 21.06 11.52
C LYS A 101 -19.61 21.84 10.27
N ARG A 102 -20.76 21.55 9.68
CA ARG A 102 -21.13 22.18 8.46
C ARG A 102 -21.21 23.71 8.65
N LYS A 103 -21.84 24.16 9.73
CA LYS A 103 -21.98 25.61 10.08
C LYS A 103 -20.63 26.27 10.22
N ILE A 104 -19.79 25.71 11.08
CA ILE A 104 -18.50 26.29 11.35
C ILE A 104 -17.71 26.50 10.04
N ILE A 105 -17.72 25.48 9.20
CA ILE A 105 -16.91 25.48 8.00
C ILE A 105 -17.44 26.52 6.99
N GLY A 106 -18.72 26.47 6.70
CA GLY A 106 -19.43 27.50 5.92
C GLY A 106 -19.11 28.95 6.33
N LYS A 107 -19.29 29.27 7.61
CA LYS A 107 -19.08 30.65 8.06
C LYS A 107 -17.62 31.05 8.05
N LEU A 108 -16.72 30.16 8.47
CA LEU A 108 -15.28 30.48 8.45
C LEU A 108 -14.76 30.66 7.04
N PHE A 109 -15.28 29.88 6.09
CA PHE A 109 -14.84 30.05 4.71
C PHE A 109 -15.21 31.50 4.22
N ILE A 110 -16.46 31.87 4.43
CA ILE A 110 -16.96 33.25 4.13
C ILE A 110 -16.09 34.34 4.80
N ASP A 111 -15.66 34.12 6.05
CA ASP A 111 -14.83 35.10 6.72
C ASP A 111 -13.48 35.28 6.04
N VAL A 112 -12.81 34.19 5.70
CA VAL A 112 -11.55 34.28 4.92
C VAL A 112 -11.75 34.95 3.54
N PHE A 113 -12.78 34.53 2.83
CA PHE A 113 -13.06 35.02 1.51
C PHE A 113 -13.40 36.53 1.59
N GLU A 114 -14.28 36.90 2.54
CA GLU A 114 -14.67 38.28 2.74
C GLU A 114 -13.47 39.12 3.09
N GLU A 115 -12.54 38.58 3.88
CA GLU A 115 -11.36 39.37 4.22
C GLU A 115 -10.65 39.76 2.92
N ILE A 116 -10.41 38.77 2.04
CA ILE A 116 -9.81 39.08 0.71
C ILE A 116 -10.66 40.06 -0.09
N ALA A 117 -11.98 39.88 -0.08
CA ALA A 117 -12.91 40.79 -0.79
C ALA A 117 -12.75 42.27 -0.40
N GLU A 118 -12.76 42.55 0.91
CA GLU A 118 -12.38 43.87 1.46
C GLU A 118 -10.96 44.31 1.05
N ASP A 119 -9.94 43.54 1.41
CA ASP A 119 -8.51 43.84 1.07
C ASP A 119 -8.36 44.46 -0.32
N ILE A 120 -8.89 43.74 -1.33
CA ILE A 120 -8.75 44.11 -2.76
C ILE A 120 -9.89 45.00 -3.31
N LYS A 121 -10.79 45.44 -2.47
CA LYS A 121 -11.88 46.33 -2.88
C LYS A 121 -12.70 45.76 -4.06
N ALA A 122 -12.99 44.46 -4.00
CA ALA A 122 -13.78 43.80 -5.04
C ALA A 122 -15.17 44.42 -5.12
N GLU A 123 -15.71 44.48 -6.33
CA GLU A 123 -17.08 44.94 -6.55
C GLU A 123 -18.04 43.91 -7.06
N VAL A 124 -17.50 42.89 -7.72
CA VAL A 124 -18.28 41.87 -8.40
C VAL A 124 -17.87 40.46 -7.86
N LEU A 125 -18.90 39.68 -7.56
CA LEU A 125 -18.72 38.30 -7.15
C LEU A 125 -19.12 37.40 -8.35
N VAL A 126 -18.16 36.76 -8.98
CA VAL A 126 -18.48 35.77 -10.01
C VAL A 126 -18.74 34.44 -9.28
N GLN A 127 -19.77 33.73 -9.72
CA GLN A 127 -20.07 32.39 -9.22
C GLN A 127 -20.32 31.46 -10.36
N GLY A 128 -20.19 30.17 -10.06
CA GLY A 128 -20.27 29.10 -11.06
C GLY A 128 -21.63 28.41 -11.12
N THR A 129 -22.64 29.04 -10.53
CA THR A 129 -24.01 28.58 -10.59
C THR A 129 -24.42 28.10 -12.01
N ILE A 130 -24.88 26.86 -12.10
CA ILE A 130 -25.37 26.28 -13.38
C ILE A 130 -26.87 26.08 -13.26
N ALA A 131 -27.55 25.63 -14.30
CA ALA A 131 -29.02 25.35 -14.18
C ALA A 131 -29.29 24.04 -13.40
N PRO A 132 -30.41 23.97 -12.64
CA PRO A 132 -30.84 22.69 -12.01
C PRO A 132 -31.20 21.59 -13.05
N ASP A 133 -30.52 20.43 -12.95
CA ASP A 133 -30.56 19.30 -13.94
C ASP A 133 -31.84 19.12 -14.78
N HIS A 145 -29.35 40.70 -8.96
CA HIS A 145 -28.49 39.95 -8.06
C HIS A 145 -27.33 40.79 -7.46
N ASN A 146 -27.53 41.24 -6.23
CA ASN A 146 -26.45 41.63 -5.30
C ASN A 146 -26.43 40.59 -4.16
N VAL A 147 -25.26 40.40 -3.52
CA VAL A 147 -25.16 39.76 -2.19
C VAL A 147 -24.40 40.66 -1.23
N ALA A 148 -24.83 40.60 0.03
CA ALA A 148 -24.19 41.30 1.14
C ALA A 148 -23.38 40.32 1.98
N LEU A 149 -22.06 40.53 2.03
CA LEU A 149 -21.19 39.79 2.92
C LEU A 149 -21.46 40.17 4.39
N PRO A 150 -20.94 39.37 5.36
CA PRO A 150 -21.24 39.61 6.78
C PRO A 150 -20.93 41.02 7.30
N HIS A 151 -19.72 41.52 7.10
CA HIS A 151 -19.38 42.89 7.57
C HIS A 151 -20.16 44.02 6.89
N GLY A 152 -20.85 43.71 5.79
CA GLY A 152 -21.76 44.61 5.08
C GLY A 152 -21.34 44.98 3.66
N MET A 153 -20.14 44.55 3.25
CA MET A 153 -19.70 44.72 1.86
C MET A 153 -20.72 44.09 0.92
N VAL A 154 -21.11 44.84 -0.11
CA VAL A 154 -22.10 44.41 -1.10
C VAL A 154 -21.36 44.08 -2.38
N LEU A 155 -21.71 42.94 -3.00
CA LEU A 155 -21.10 42.54 -4.30
C LEU A 155 -22.20 42.31 -5.34
N GLU A 156 -21.88 42.64 -6.58
CA GLU A 156 -22.75 42.40 -7.70
C GLU A 156 -22.43 40.98 -8.16
N VAL A 157 -23.45 40.16 -8.26
CA VAL A 157 -23.27 38.76 -8.60
C VAL A 157 -23.30 38.64 -10.11
N VAL A 158 -22.29 37.95 -10.67
CA VAL A 158 -22.28 37.58 -12.09
C VAL A 158 -22.22 36.06 -12.17
N GLU A 159 -23.14 35.45 -12.93
CA GLU A 159 -23.26 34.01 -13.07
C GLU A 159 -23.25 33.53 -14.56
N PRO A 160 -22.07 33.55 -15.21
CA PRO A 160 -22.05 33.25 -16.64
C PRO A 160 -22.72 31.94 -17.08
N LEU A 161 -22.74 30.95 -16.20
CA LEU A 161 -23.21 29.59 -16.48
C LEU A 161 -24.62 29.29 -16.01
N ARG A 162 -25.33 30.28 -15.47
CA ARG A 162 -26.70 30.07 -14.89
C ARG A 162 -27.66 29.22 -15.75
N GLU A 163 -27.53 29.30 -17.08
CA GLU A 163 -28.38 28.57 -18.05
C GLU A 163 -27.86 27.23 -18.55
N LEU A 164 -26.61 26.86 -18.25
CA LEU A 164 -26.08 25.61 -18.79
C LEU A 164 -26.38 24.47 -17.86
N TYR A 165 -26.48 23.27 -18.43
CA TYR A 165 -26.62 22.04 -17.67
C TYR A 165 -25.24 21.45 -17.58
N LYS A 166 -25.08 20.53 -16.64
CA LYS A 166 -23.75 19.99 -16.32
C LYS A 166 -23.08 19.47 -17.60
N ASP A 167 -23.83 18.75 -18.44
CA ASP A 167 -23.24 18.21 -19.66
C ASP A 167 -22.64 19.28 -20.58
N GLU A 168 -23.26 20.47 -20.60
CA GLU A 168 -22.78 21.59 -21.44
C GLU A 168 -21.54 22.24 -20.85
N VAL A 169 -21.61 22.49 -19.55
CA VAL A 169 -20.46 22.98 -18.78
C VAL A 169 -19.24 22.13 -19.04
N ARG A 170 -19.38 20.81 -18.92
CA ARG A 170 -18.26 19.94 -19.22
C ARG A 170 -17.70 20.14 -20.63
N LEU A 171 -18.59 20.27 -21.61
CA LEU A 171 -18.15 20.58 -22.98
C LEU A 171 -17.48 21.91 -23.11
N LEU A 172 -17.97 22.90 -22.38
CA LEU A 172 -17.32 24.21 -22.31
C LEU A 172 -15.89 24.12 -21.72
N ALA A 173 -15.66 23.17 -20.79
CA ALA A 173 -14.38 23.05 -20.04
C ALA A 173 -13.22 22.39 -20.81
N LYS A 174 -13.58 21.38 -21.60
CA LYS A 174 -12.66 20.80 -22.59
C LYS A 174 -12.20 21.92 -23.55
N GLU A 175 -13.13 22.67 -24.12
CA GLU A 175 -12.85 23.78 -25.07
C GLU A 175 -11.99 24.93 -24.49
N LEU A 176 -12.10 25.13 -23.19
CA LEU A 176 -11.33 26.14 -22.49
C LEU A 176 -9.94 25.71 -22.02
N GLY A 177 -9.59 24.43 -22.18
CA GLY A 177 -8.25 23.91 -21.88
C GLY A 177 -8.04 23.34 -20.49
N LEU A 178 -9.13 23.03 -19.80
CA LEU A 178 -9.04 22.52 -18.43
C LEU A 178 -8.64 21.04 -18.49
N PRO A 179 -7.84 20.57 -17.55
CA PRO A 179 -7.54 19.15 -17.59
C PRO A 179 -8.71 18.21 -17.14
N ASP A 180 -8.59 16.96 -17.54
CA ASP A 180 -9.57 15.91 -17.26
C ASP A 180 -9.76 15.70 -15.79
N SER A 181 -8.67 15.83 -15.04
CA SER A 181 -8.71 15.82 -13.59
C SER A 181 -9.69 16.83 -13.01
N ILE A 182 -9.88 18.01 -13.62
CA ILE A 182 -10.94 18.92 -13.20
C ILE A 182 -12.27 18.51 -13.85
N VAL A 183 -12.22 18.29 -15.17
CA VAL A 183 -13.41 18.18 -15.99
C VAL A 183 -14.28 17.01 -15.58
N TYR A 184 -13.66 15.86 -15.37
CA TYR A 184 -14.40 14.67 -15.00
C TYR A 184 -14.39 14.33 -13.52
N ARG A 185 -13.82 15.17 -12.64
CA ARG A 185 -13.70 14.83 -11.19
C ARG A 185 -15.05 14.65 -10.55
N GLN A 186 -15.19 13.62 -9.73
CA GLN A 186 -16.42 13.35 -9.02
C GLN A 186 -16.75 14.55 -8.18
N PRO A 187 -18.02 14.75 -7.87
CA PRO A 187 -18.31 15.86 -7.00
C PRO A 187 -17.83 15.67 -5.55
N PHE A 188 -17.55 16.79 -4.92
CA PHE A 188 -16.88 16.82 -3.64
C PHE A 188 -17.63 17.81 -2.74
N PRO A 189 -17.96 17.42 -1.51
CA PRO A 189 -18.74 18.33 -0.64
C PRO A 189 -17.99 19.64 -0.27
N GLY A 190 -18.69 20.77 -0.14
CA GLY A 190 -18.08 22.00 0.40
C GLY A 190 -17.30 21.76 1.71
N PRO A 191 -17.89 21.05 2.68
CA PRO A 191 -17.09 20.82 3.86
C PRO A 191 -16.00 19.75 3.77
N GLY A 192 -15.79 19.19 2.59
CA GLY A 192 -14.62 18.38 2.31
C GLY A 192 -14.51 17.13 3.16
N LEU A 193 -13.29 16.84 3.56
CA LEU A 193 -13.05 15.66 4.35
C LEU A 193 -13.64 15.73 5.79
N ALA A 194 -14.08 16.92 6.22
CA ALA A 194 -14.70 17.11 7.55
C ALA A 194 -15.90 16.21 7.76
N VAL A 195 -16.73 16.03 6.73
CA VAL A 195 -17.87 15.11 6.81
C VAL A 195 -17.56 13.68 6.40
N ARG A 196 -16.28 13.38 6.16
CA ARG A 196 -15.82 12.01 5.97
C ARG A 196 -14.89 11.52 7.06
N VAL A 197 -14.89 12.26 8.18
CA VAL A 197 -14.25 11.88 9.43
C VAL A 197 -15.38 11.99 10.41
N LEU A 198 -15.96 10.87 10.87
CA LEU A 198 -17.10 10.95 11.81
C LEU A 198 -16.60 11.33 13.22
N GLY A 199 -17.40 12.06 13.96
CA GLY A 199 -17.00 12.52 15.30
C GLY A 199 -16.10 13.73 15.12
N GLU A 200 -15.10 13.86 15.98
CA GLU A 200 -14.18 14.96 15.96
C GLU A 200 -13.16 14.84 14.83
N VAL A 201 -12.96 15.94 14.12
CA VAL A 201 -11.98 15.95 13.10
C VAL A 201 -10.58 16.17 13.68
N THR A 202 -9.91 15.11 14.09
CA THR A 202 -8.53 15.31 14.59
C THR A 202 -7.57 15.20 13.44
N GLU A 203 -6.37 15.69 13.65
CA GLU A 203 -5.33 15.69 12.61
C GLU A 203 -4.96 14.27 12.20
N GLU A 204 -4.85 13.38 13.18
CA GLU A 204 -4.57 11.96 12.93
C GLU A 204 -5.69 11.36 12.01
N LYS A 205 -6.97 11.62 12.32
CA LYS A 205 -8.06 11.01 11.59
C LYS A 205 -8.15 11.57 10.18
N LEU A 206 -7.98 12.88 10.05
CA LEU A 206 -7.95 13.55 8.78
C LEU A 206 -6.84 13.03 7.87
N ASN A 207 -5.65 12.82 8.43
CA ASN A 207 -4.53 12.34 7.64
C ASN A 207 -4.80 10.94 7.12
N ILE A 208 -5.40 10.08 7.96
CA ILE A 208 -5.93 8.79 7.54
C ILE A 208 -6.97 8.96 6.40
N CYS A 209 -7.93 9.87 6.61
CA CYS A 209 -8.95 10.12 5.62
C CYS A 209 -8.40 10.59 4.28
N ARG A 210 -7.48 11.52 4.32
CA ARG A 210 -6.89 11.99 3.09
C ARG A 210 -6.18 10.86 2.31
N GLU A 211 -5.34 10.05 2.95
CA GLU A 211 -4.56 9.02 2.23
C GLU A 211 -5.44 7.89 1.74
N ALA A 212 -6.40 7.50 2.59
CA ALA A 212 -7.41 6.57 2.18
C ALA A 212 -8.13 7.00 0.90
N ASN A 213 -8.62 8.25 0.82
CA ASN A 213 -9.22 8.78 -0.36
C ASN A 213 -8.30 8.82 -1.55
N ALA A 214 -7.06 9.19 -1.33
CA ALA A 214 -6.10 9.15 -2.46
C ALA A 214 -5.98 7.71 -2.92
N ILE A 215 -5.92 6.71 -2.02
CA ILE A 215 -5.77 5.33 -2.48
C ILE A 215 -7.00 4.96 -3.27
N VAL A 216 -8.18 5.33 -2.78
CA VAL A 216 -9.42 4.96 -3.49
C VAL A 216 -9.45 5.53 -4.93
N GLU A 217 -9.21 6.84 -5.07
CA GLU A 217 -9.26 7.55 -6.36
C GLU A 217 -8.31 6.87 -7.39
N GLU A 218 -7.14 6.52 -6.92
CA GLU A 218 -6.06 6.04 -7.73
C GLU A 218 -6.44 4.66 -8.23
N GLU A 219 -6.89 3.78 -7.33
CA GLU A 219 -7.19 2.42 -7.69
C GLU A 219 -8.43 2.36 -8.59
N VAL A 220 -9.46 3.16 -8.28
CA VAL A 220 -10.66 3.22 -9.08
C VAL A 220 -10.31 3.69 -10.52
N LYS A 221 -9.46 4.71 -10.64
CA LYS A 221 -8.96 5.16 -11.97
C LYS A 221 -8.15 4.09 -12.71
N LYS A 222 -7.23 3.43 -12.03
CA LYS A 222 -6.43 2.31 -12.61
C LYS A 222 -7.30 1.16 -13.17
N ALA A 223 -8.41 0.86 -12.49
CA ALA A 223 -9.38 -0.15 -12.91
C ALA A 223 -10.40 0.38 -13.91
N ASN A 224 -10.23 1.63 -14.32
CA ASN A 224 -11.11 2.30 -15.28
C ASN A 224 -12.56 2.30 -14.89
N LEU A 225 -12.83 2.54 -13.61
CA LEU A 225 -14.20 2.67 -13.11
C LEU A 225 -14.67 4.07 -12.77
N ASP A 226 -13.79 5.07 -12.84
CA ASP A 226 -14.20 6.49 -12.72
C ASP A 226 -15.35 6.86 -13.63
N LYS A 227 -15.38 6.26 -14.83
CA LYS A 227 -16.48 6.45 -15.79
C LYS A 227 -17.84 5.97 -15.23
N ASP A 228 -17.88 4.74 -14.74
CA ASP A 228 -19.12 4.09 -14.27
C ASP A 228 -19.55 4.34 -12.84
N LEU A 229 -18.87 5.22 -12.10
CA LEU A 229 -19.31 5.56 -10.73
C LEU A 229 -19.51 7.05 -10.56
N TRP A 230 -20.56 7.42 -9.83
CA TRP A 230 -20.81 8.80 -9.46
C TRP A 230 -19.83 9.31 -8.39
N GLN A 231 -19.73 8.57 -7.30
CA GLN A 231 -18.85 8.89 -6.16
C GLN A 231 -18.17 7.62 -5.63
N TYR A 232 -16.92 7.80 -5.21
CA TYR A 232 -16.07 6.71 -4.69
C TYR A 232 -15.04 7.35 -3.71
N PHE A 233 -15.27 7.13 -2.42
CA PHE A 233 -14.50 7.79 -1.33
C PHE A 233 -14.37 6.90 -0.11
N ALA A 234 -13.55 7.40 0.84
CA ALA A 234 -13.30 6.74 2.10
C ALA A 234 -13.74 7.66 3.23
N VAL A 235 -14.19 7.01 4.32
CA VAL A 235 -14.63 7.61 5.57
C VAL A 235 -13.93 6.96 6.74
N VAL A 236 -13.51 7.79 7.70
CA VAL A 236 -12.97 7.31 8.93
C VAL A 236 -14.16 7.27 9.88
N LEU A 237 -14.54 6.06 10.30
CA LEU A 237 -15.63 5.97 11.30
C LEU A 237 -15.10 6.33 12.72
N ASP A 238 -15.97 6.77 13.65
CA ASP A 238 -15.52 7.01 15.02
C ASP A 238 -15.81 5.79 15.89
N CYS A 239 -15.17 4.70 15.53
CA CYS A 239 -15.28 3.46 16.28
C CYS A 239 -14.12 2.66 15.78
N LYS A 240 -13.84 1.62 16.53
CA LYS A 240 -12.58 0.95 16.43
C LYS A 240 -12.86 -0.50 16.47
N ALA A 241 -11.92 -1.21 15.84
CA ALA A 241 -11.93 -2.64 15.76
C ALA A 241 -10.52 -3.16 16.01
N THR A 242 -10.41 -4.48 16.20
CA THR A 242 -9.20 -5.17 16.49
C THR A 242 -8.44 -5.64 15.25
N GLY A 243 -7.13 -5.70 15.48
CA GLY A 243 -6.14 -6.04 14.48
C GLY A 243 -5.06 -6.86 15.18
N VAL A 244 -4.45 -7.79 14.48
CA VAL A 244 -3.40 -8.64 15.08
C VAL A 244 -2.07 -8.02 14.65
N LYS A 245 -1.23 -7.76 15.65
CA LYS A 245 0.19 -7.42 15.46
C LYS A 245 0.96 -8.07 16.63
N GLY A 246 1.64 -9.18 16.34
CA GLY A 246 2.28 -9.99 17.39
C GLY A 246 1.25 -10.73 18.24
N ASP A 247 1.03 -10.23 19.46
CA ASP A 247 0.23 -10.93 20.48
C ASP A 247 -1.16 -10.32 20.64
N ARG A 249 -3.57 -8.13 20.01
CA ARG A 249 -4.88 -7.50 19.69
C ARG A 249 -4.95 -5.96 19.88
N GLU A 250 -4.48 -5.21 18.88
CA GLU A 250 -4.54 -3.74 18.84
C GLU A 250 -5.93 -3.21 18.42
N TYR A 251 -6.35 -2.06 18.98
CA TYR A 251 -7.58 -1.35 18.63
C TYR A 251 -7.22 -0.24 17.70
N ASN A 252 -7.86 -0.13 16.53
CA ASN A 252 -7.57 1.00 15.64
C ASN A 252 -8.82 1.34 14.84
N TRP A 253 -8.71 2.44 14.09
CA TRP A 253 -9.86 3.02 13.39
C TRP A 253 -10.35 2.12 12.26
N ILE A 254 -11.64 2.16 12.08
CA ILE A 254 -12.34 1.55 10.93
C ILE A 254 -12.56 2.60 9.87
N VAL A 255 -12.14 2.25 8.66
CA VAL A 255 -12.32 3.07 7.47
C VAL A 255 -13.39 2.40 6.63
N ALA A 256 -14.33 3.19 6.12
CA ALA A 256 -15.40 2.63 5.26
C ALA A 256 -15.27 3.18 3.88
N LEU A 257 -15.60 2.34 2.91
CA LEU A 257 -15.45 2.69 1.50
C LEU A 257 -16.84 2.88 1.05
N ARG A 258 -17.08 3.99 0.33
CA ARG A 258 -18.41 4.33 -0.20
C ARG A 258 -18.29 4.52 -1.71
N MET A 259 -18.98 3.65 -2.47
CA MET A 259 -19.01 3.67 -3.92
C MET A 259 -20.45 3.56 -4.41
N VAL A 260 -20.91 4.58 -5.13
CA VAL A 260 -22.27 4.61 -5.58
C VAL A 260 -22.36 5.02 -7.05
N LYS A 261 -23.44 4.56 -7.68
CA LYS A 261 -23.98 5.20 -8.86
C LYS A 261 -25.23 5.91 -8.47
N SER A 262 -25.52 6.96 -9.25
CA SER A 262 -26.64 7.81 -9.00
C SER A 262 -26.99 8.59 -10.28
N LEU A 263 -28.27 8.63 -10.63
CA LEU A 263 -28.73 9.41 -11.81
C LEU A 263 -29.58 10.61 -11.45
N ASP A 264 -30.05 10.69 -10.20
CA ASP A 264 -30.73 11.90 -9.71
C ASP A 264 -30.43 12.14 -8.22
N ALA A 265 -30.84 13.31 -7.74
CA ALA A 265 -30.63 13.73 -6.34
C ALA A 265 -31.39 12.94 -5.24
N MET A 266 -32.37 12.12 -5.62
CA MET A 266 -33.20 11.41 -4.65
C MET A 266 -32.59 10.02 -4.34
N THR A 267 -31.82 9.45 -5.27
CA THR A 267 -31.45 8.06 -5.19
C THR A 267 -29.99 7.80 -5.53
N ALA A 268 -29.50 6.66 -5.03
CA ALA A 268 -28.18 6.19 -5.40
C ALA A 268 -28.19 4.75 -5.06
N HIS A 269 -27.33 4.01 -5.68
CA HIS A 269 -27.22 2.62 -5.36
C HIS A 269 -25.81 2.14 -5.47
N VAL A 270 -25.53 1.04 -4.78
CA VAL A 270 -24.25 0.44 -4.80
C VAL A 270 -24.26 -0.60 -5.89
N PRO A 271 -23.42 -0.44 -6.93
CA PRO A 271 -23.31 -1.44 -7.98
C PRO A 271 -22.31 -2.51 -7.60
N GLU A 272 -22.27 -3.56 -8.41
CA GLU A 272 -21.30 -4.63 -8.23
C GLU A 272 -19.94 -4.06 -8.65
N ILE A 273 -19.03 -4.02 -7.70
CA ILE A 273 -17.66 -3.56 -7.83
C ILE A 273 -16.84 -4.82 -7.94
N PRO A 274 -15.89 -4.87 -8.88
CA PRO A 274 -15.11 -6.11 -8.83
C PRO A 274 -14.45 -6.32 -7.47
N PHE A 275 -14.51 -7.54 -6.99
CA PHE A 275 -14.00 -7.88 -5.70
C PHE A 275 -12.46 -7.71 -5.54
N ASP A 276 -11.72 -7.94 -6.62
CA ASP A 276 -10.27 -7.74 -6.64
C ASP A 276 -9.92 -6.29 -6.35
N LEU A 277 -10.71 -5.36 -6.89
CA LEU A 277 -10.48 -3.94 -6.69
C LEU A 277 -10.76 -3.64 -5.20
N LEU A 278 -11.89 -4.09 -4.67
CA LEU A 278 -12.13 -3.92 -3.24
C LEU A 278 -10.97 -4.38 -2.38
N LYS A 279 -10.53 -5.64 -2.59
CA LYS A 279 -9.46 -6.25 -1.82
C LYS A 279 -8.16 -5.51 -1.98
N ARG A 280 -7.89 -5.09 -3.21
CA ARG A 280 -6.72 -4.25 -3.44
C ARG A 280 -6.78 -2.95 -2.61
N ILE A 281 -7.90 -2.20 -2.68
CA ILE A 281 -8.00 -0.96 -1.91
C ILE A 281 -7.86 -1.30 -0.41
N SER A 282 -8.48 -2.40 0.04
CA SER A 282 -8.49 -2.72 1.45
C SER A 282 -7.05 -2.99 1.95
N LYS A 283 -6.31 -3.79 1.18
CA LYS A 283 -5.00 -4.23 1.53
C LYS A 283 -4.01 -3.06 1.48
N ARG A 284 -4.13 -2.21 0.48
CA ARG A 284 -3.36 -0.96 0.54
C ARG A 284 -3.60 -0.08 1.78
N ILE A 285 -4.86 0.12 2.16
CA ILE A 285 -5.14 1.01 3.26
C ILE A 285 -4.51 0.54 4.57
N THR A 286 -4.67 -0.76 4.87
CA THR A 286 -4.24 -1.29 6.14
C THR A 286 -2.73 -1.46 6.19
N SER A 287 -2.12 -1.67 5.02
CA SER A 287 -0.68 -1.88 5.01
C SER A 287 0.04 -0.53 5.01
N GLU A 288 -0.53 0.49 4.40
CA GLU A 288 0.21 1.73 4.16
C GLU A 288 -0.17 2.91 5.06
N ILE A 289 -1.34 2.86 5.71
CA ILE A 289 -1.80 3.95 6.51
C ILE A 289 -1.78 3.41 7.90
N PRO A 290 -0.85 3.94 8.73
CA PRO A 290 -0.83 3.57 10.15
C PRO A 290 -2.19 3.80 10.83
N ASN A 291 -2.47 2.92 11.78
CA ASN A 291 -3.63 3.04 12.67
C ASN A 291 -4.97 2.80 12.02
N VAL A 292 -4.99 1.99 10.96
CA VAL A 292 -6.29 1.47 10.49
C VAL A 292 -6.39 -0.04 10.78
N ALA A 293 -7.35 -0.46 11.60
CA ALA A 293 -7.52 -1.91 11.86
C ALA A 293 -8.33 -2.69 10.78
N ARG A 294 -9.28 -2.02 10.11
CA ARG A 294 -10.27 -2.72 9.26
C ARG A 294 -10.79 -1.78 8.21
N VAL A 295 -11.18 -2.38 7.10
CA VAL A 295 -11.83 -1.69 6.03
C VAL A 295 -13.13 -2.47 5.77
N VAL A 296 -14.20 -1.68 5.70
CA VAL A 296 -15.52 -2.15 5.43
C VAL A 296 -16.01 -1.43 4.19
N PHE A 297 -16.92 -2.11 3.49
CA PHE A 297 -17.53 -1.62 2.24
C PHE A 297 -19.03 -1.39 2.49
N ASP A 298 -19.50 -0.19 2.23
CA ASP A 298 -20.93 0.17 2.37
C ASP A 298 -21.83 -0.46 1.29
N ILE A 299 -22.77 -1.28 1.74
CA ILE A 299 -23.67 -1.96 0.85
C ILE A 299 -25.15 -1.47 1.14
N THR A 300 -25.30 -0.17 1.38
CA THR A 300 -26.61 0.37 1.64
C THR A 300 -26.95 1.33 0.53
N ASP A 301 -28.04 1.04 -0.19
CA ASP A 301 -28.54 2.00 -1.18
C ASP A 301 -29.21 3.22 -0.52
N LYS A 302 -29.45 4.27 -1.32
CA LYS A 302 -30.21 5.48 -0.94
C LYS A 302 -31.56 5.50 -1.75
N PRO A 303 -32.74 5.43 -1.09
CA PRO A 303 -33.03 5.12 0.30
C PRO A 303 -32.63 3.66 0.58
N PRO A 304 -32.44 3.33 1.84
CA PRO A 304 -32.67 4.17 3.04
C PRO A 304 -31.52 5.02 3.56
N ALA A 305 -30.28 4.83 3.05
CA ALA A 305 -29.12 5.59 3.52
C ALA A 305 -29.05 6.95 2.84
N THR A 306 -28.16 7.81 3.31
CA THR A 306 -27.66 8.92 2.50
C THR A 306 -26.38 8.48 1.80
N ILE A 307 -25.90 9.31 0.85
CA ILE A 307 -24.58 9.01 0.25
C ILE A 307 -23.48 9.11 1.30
N GLU A 308 -23.31 10.29 1.88
CA GLU A 308 -22.31 10.51 2.95
C GLU A 308 -22.68 9.75 4.21
N PHE A 309 -21.71 9.64 5.10
CA PHE A 309 -21.92 8.95 6.37
C PHE A 309 -22.47 9.85 7.47
N GLU A 310 -22.47 11.17 7.26
CA GLU A 310 -23.09 12.09 8.16
C GLU A 310 -23.47 13.33 7.36
N PHE B 2 -11.35 -41.67 7.08
CA PHE B 2 -12.11 -41.68 8.37
C PHE B 2 -13.40 -42.49 8.20
N ASP B 3 -13.59 -43.48 9.06
CA ASP B 3 -14.80 -44.31 9.04
C ASP B 3 -15.67 -43.93 10.25
N PRO B 4 -16.70 -43.05 10.02
CA PRO B 4 -17.59 -42.68 11.13
C PRO B 4 -18.30 -43.83 11.85
N LYS B 5 -18.61 -44.92 11.15
CA LYS B 5 -19.27 -46.09 11.77
C LYS B 5 -18.35 -46.78 12.80
N LYS B 6 -17.11 -47.05 12.37
CA LYS B 6 -16.02 -47.57 13.20
C LYS B 6 -15.82 -46.71 14.44
N PHE B 7 -15.51 -45.42 14.23
CA PHE B 7 -15.17 -44.46 15.31
C PHE B 7 -16.23 -44.39 16.41
N ILE B 8 -17.50 -44.27 16.02
CA ILE B 8 -18.63 -44.29 16.99
C ILE B 8 -18.56 -45.53 17.91
N ASP B 9 -18.65 -46.71 17.31
CA ASP B 9 -18.53 -47.99 18.05
C ASP B 9 -17.32 -47.95 19.01
N GLU B 10 -16.14 -47.70 18.47
CA GLU B 10 -14.91 -47.56 19.28
C GLU B 10 -15.07 -46.57 20.44
N ALA B 11 -15.47 -45.34 20.12
CA ALA B 11 -15.55 -44.23 21.10
C ALA B 11 -16.64 -44.44 22.15
N VAL B 12 -17.77 -45.00 21.76
CA VAL B 12 -18.81 -45.36 22.76
C VAL B 12 -18.20 -46.32 23.81
N GLU B 13 -17.53 -47.38 23.34
CA GLU B 13 -16.82 -48.36 24.20
C GLU B 13 -15.74 -47.71 25.12
N GLU B 14 -14.85 -46.89 24.53
CA GLU B 14 -13.82 -46.17 25.30
C GLU B 14 -14.35 -45.29 26.44
N ILE B 15 -15.49 -44.63 26.22
CA ILE B 15 -16.09 -43.72 27.21
C ILE B 15 -16.70 -44.50 28.34
N LYS B 16 -17.46 -45.54 27.99
CA LYS B 16 -18.13 -46.35 29.04
C LYS B 16 -17.12 -46.90 30.02
N GLN B 17 -15.98 -47.36 29.52
CA GLN B 17 -14.93 -47.90 30.37
C GLN B 17 -14.15 -46.85 31.17
N GLN B 18 -13.80 -45.71 30.54
CA GLN B 18 -13.21 -44.56 31.26
C GLN B 18 -14.15 -43.99 32.30
N ILE B 19 -15.44 -43.83 31.96
CA ILE B 19 -16.38 -43.20 32.91
C ILE B 19 -16.85 -44.20 33.96
N SER B 20 -16.89 -45.49 33.59
CA SER B 20 -17.38 -46.55 34.48
C SER B 20 -18.79 -46.18 34.98
N ASP B 21 -19.10 -46.23 36.29
CA ASP B 21 -20.48 -45.97 36.76
C ASP B 21 -20.72 -44.56 37.35
N ARG B 22 -19.76 -43.67 37.17
CA ARG B 22 -19.86 -42.34 37.81
C ARG B 22 -20.80 -41.41 37.01
N LYS B 23 -21.19 -40.35 37.67
CA LYS B 23 -21.97 -39.27 37.08
C LYS B 23 -21.10 -38.28 36.30
N ALA B 24 -21.54 -37.98 35.09
CA ALA B 24 -20.82 -37.11 34.20
C ALA B 24 -21.64 -35.86 33.86
N ILE B 25 -20.93 -34.85 33.40
CA ILE B 25 -21.53 -33.56 33.09
C ILE B 25 -20.85 -33.01 31.85
N ILE B 26 -21.64 -32.26 31.07
CA ILE B 26 -21.19 -31.63 29.83
C ILE B 26 -21.98 -30.31 29.61
N ALA B 27 -21.27 -29.28 29.13
CA ALA B 27 -21.88 -27.97 28.76
C ALA B 27 -22.23 -28.08 27.30
N LEU B 28 -23.50 -27.91 26.97
CA LEU B 28 -23.93 -27.89 25.58
C LEU B 28 -23.90 -26.45 25.12
N SER B 29 -23.09 -26.17 24.11
CA SER B 29 -23.18 -24.83 23.47
C SER B 29 -24.26 -24.80 22.40
N GLY B 30 -24.65 -25.96 21.89
CA GLY B 30 -25.41 -26.03 20.66
C GLY B 30 -24.53 -26.24 19.45
N GLY B 31 -23.21 -26.05 19.63
CA GLY B 31 -22.31 -26.42 18.56
C GLY B 31 -22.06 -27.89 18.36
N VAL B 32 -21.34 -28.16 17.26
CA VAL B 32 -21.20 -29.47 16.72
C VAL B 32 -20.35 -30.36 17.61
N ASP B 33 -19.22 -29.81 18.07
CA ASP B 33 -18.25 -30.58 18.87
C ASP B 33 -18.92 -31.03 20.17
N SER B 34 -19.51 -30.09 20.89
CA SER B 34 -20.15 -30.45 22.16
C SER B 34 -21.36 -31.35 21.92
N SER B 35 -22.10 -31.10 20.83
CA SER B 35 -23.30 -31.88 20.56
C SER B 35 -22.89 -33.35 20.26
N VAL B 36 -21.89 -33.53 19.41
CA VAL B 36 -21.33 -34.86 19.12
C VAL B 36 -20.84 -35.60 20.36
N ALA B 37 -20.12 -34.92 21.24
CA ALA B 37 -19.64 -35.55 22.47
C ALA B 37 -20.75 -35.89 23.41
N ALA B 38 -21.76 -35.04 23.49
CA ALA B 38 -22.87 -35.34 24.42
C ALA B 38 -23.59 -36.61 23.94
N VAL B 39 -23.80 -36.71 22.63
CA VAL B 39 -24.58 -37.82 22.08
C VAL B 39 -23.76 -39.11 22.23
N LEU B 40 -22.46 -39.10 21.85
CA LEU B 40 -21.55 -40.24 22.10
C LEU B 40 -21.61 -40.68 23.55
N THR B 41 -21.54 -39.72 24.48
CA THR B 41 -21.50 -40.03 25.94
C THR B 41 -22.83 -40.64 26.41
N HIS B 42 -23.95 -40.07 25.94
CA HIS B 42 -25.30 -40.59 26.24
C HIS B 42 -25.48 -42.02 25.77
N LYS B 43 -25.11 -42.29 24.53
CA LYS B 43 -25.02 -43.65 24.04
C LYS B 43 -24.21 -44.53 25.05
N ALA B 44 -23.06 -44.04 25.50
CA ALA B 44 -22.20 -44.79 26.44
C ALA B 44 -22.75 -44.97 27.83
N ILE B 45 -23.57 -44.05 28.36
CA ILE B 45 -23.97 -44.12 29.80
C ILE B 45 -25.39 -43.66 30.17
N GLY B 46 -26.23 -43.36 29.19
CA GLY B 46 -27.59 -42.85 29.45
C GLY B 46 -27.68 -41.83 30.57
N ASP B 47 -28.60 -42.07 31.51
CA ASP B 47 -28.97 -41.12 32.60
C ASP B 47 -27.91 -40.73 33.63
N LYS B 48 -26.77 -41.41 33.58
CA LYS B 48 -25.58 -40.95 34.26
C LYS B 48 -25.06 -39.60 33.69
N LEU B 49 -25.35 -39.35 32.42
CA LEU B 49 -25.03 -38.09 31.80
C LEU B 49 -26.07 -37.03 32.16
N THR B 50 -25.61 -35.89 32.68
CA THR B 50 -26.41 -34.66 32.71
C THR B 50 -25.78 -33.63 31.80
N ALA B 51 -26.56 -33.16 30.83
CA ALA B 51 -26.26 -31.95 29.98
C ALA B 51 -26.82 -30.71 30.57
N VAL B 52 -26.02 -29.63 30.47
CA VAL B 52 -26.36 -28.32 30.98
C VAL B 52 -26.34 -27.27 29.88
N PHE B 53 -27.37 -26.47 29.85
CA PHE B 53 -27.45 -25.37 28.89
C PHE B 53 -27.66 -24.12 29.67
N VAL B 54 -26.87 -23.27 29.55
CA VAL B 54 -26.87 -22.06 30.29
C VAL B 54 -27.30 -20.93 29.36
N ASP B 55 -28.38 -20.37 29.51
CA ASP B 55 -28.88 -19.39 28.55
C ASP B 55 -28.36 -18.11 29.08
N THR B 56 -27.26 -17.65 28.48
CA THR B 56 -26.63 -16.43 28.92
C THR B 56 -27.39 -15.16 28.42
N GLY B 57 -28.41 -15.31 27.56
CA GLY B 57 -29.05 -14.16 26.90
C GLY B 57 -28.17 -13.59 25.78
N LEU B 58 -27.04 -14.23 25.48
CA LEU B 58 -26.13 -13.73 24.45
C LEU B 58 -25.99 -14.73 23.30
N MET B 59 -26.95 -15.66 23.23
CA MET B 59 -26.90 -16.76 22.31
C MET B 59 -27.64 -16.41 21.01
N ARG B 60 -27.38 -17.17 19.97
CA ARG B 60 -28.14 -16.96 18.74
C ARG B 60 -29.67 -17.16 19.00
N LYS B 61 -30.49 -16.39 18.28
CA LYS B 61 -31.95 -16.55 18.34
C LYS B 61 -32.39 -18.02 18.34
N GLY B 62 -33.27 -18.37 19.26
CA GLY B 62 -33.89 -19.68 19.31
C GLY B 62 -33.04 -20.83 19.81
N GLU B 63 -31.82 -20.53 20.29
CA GLU B 63 -30.91 -21.59 20.77
C GLU B 63 -31.52 -22.46 21.87
N ARG B 64 -32.10 -21.81 22.88
CA ARG B 64 -32.61 -22.59 23.98
C ARG B 64 -33.64 -23.64 23.48
N GLU B 65 -34.65 -23.17 22.75
CA GLU B 65 -35.62 -24.06 22.15
C GLU B 65 -34.98 -25.18 21.30
N GLU B 66 -34.06 -24.82 20.42
CA GLU B 66 -33.37 -25.81 19.61
C GLU B 66 -32.70 -26.91 20.46
N VAL B 67 -32.00 -26.53 21.51
CA VAL B 67 -31.29 -27.43 22.35
C VAL B 67 -32.28 -28.32 23.12
N GLU B 68 -33.31 -27.71 23.69
CA GLU B 68 -34.39 -28.50 24.28
C GLU B 68 -34.97 -29.52 23.30
N LYS B 69 -35.41 -29.06 22.16
CA LYS B 69 -36.11 -29.98 21.25
C LYS B 69 -35.22 -31.12 20.76
N THR B 70 -33.93 -30.84 20.53
CA THR B 70 -33.00 -31.84 20.05
C THR B 70 -32.52 -32.82 21.13
N PHE B 71 -32.02 -32.27 22.23
CA PHE B 71 -31.38 -33.06 23.31
C PHE B 71 -32.33 -33.59 24.33
N ARG B 72 -33.27 -32.77 24.79
CA ARG B 72 -34.27 -33.26 25.81
C ARG B 72 -35.43 -34.02 25.10
N ASP B 73 -36.16 -33.33 24.23
CA ASP B 73 -37.33 -33.95 23.58
C ASP B 73 -36.95 -35.14 22.68
N LYS B 74 -36.36 -34.89 21.52
CA LYS B 74 -35.90 -35.97 20.63
C LYS B 74 -35.05 -36.99 21.36
N LEU B 75 -33.82 -36.64 21.73
CA LEU B 75 -32.86 -37.65 22.15
C LEU B 75 -32.97 -38.20 23.58
N GLY B 76 -33.82 -37.62 24.42
CA GLY B 76 -33.93 -38.02 25.84
C GLY B 76 -32.74 -37.87 26.80
N LEU B 77 -31.94 -36.82 26.67
CA LEU B 77 -30.80 -36.64 27.62
C LEU B 77 -31.36 -35.95 28.84
N ASN B 78 -30.83 -36.23 30.05
CA ASN B 78 -31.15 -35.39 31.23
C ASN B 78 -30.59 -34.07 30.79
N LEU B 79 -31.38 -33.01 30.86
CA LEU B 79 -30.97 -31.67 30.41
C LEU B 79 -31.37 -30.69 31.48
N ILE B 80 -30.41 -29.93 32.00
CA ILE B 80 -30.67 -28.80 32.90
C ILE B 80 -30.42 -27.52 32.11
N VAL B 81 -31.39 -26.63 32.15
CA VAL B 81 -31.33 -25.40 31.39
C VAL B 81 -31.31 -24.32 32.43
N VAL B 82 -30.42 -23.36 32.31
CA VAL B 82 -30.45 -22.28 33.28
C VAL B 82 -30.76 -21.01 32.53
N ASP B 83 -31.84 -20.37 32.89
CA ASP B 83 -32.22 -19.13 32.24
C ASP B 83 -31.49 -18.08 33.01
N ALA B 84 -30.32 -17.65 32.53
CA ALA B 84 -29.53 -16.68 33.22
C ALA B 84 -29.47 -15.35 32.45
N LYS B 85 -30.43 -15.09 31.57
CA LYS B 85 -30.40 -13.88 30.73
C LYS B 85 -30.24 -12.59 31.51
N ASP B 86 -31.15 -12.32 32.45
CA ASP B 86 -31.11 -11.05 33.24
C ASP B 86 -29.84 -10.92 34.03
N ARG B 87 -29.41 -12.00 34.65
CA ARG B 87 -28.14 -11.97 35.35
C ARG B 87 -26.95 -11.53 34.49
N PHE B 88 -26.80 -12.08 33.29
CA PHE B 88 -25.59 -11.77 32.44
C PHE B 88 -25.77 -10.34 31.93
N LEU B 89 -27.01 -9.96 31.60
CA LEU B 89 -27.26 -8.56 31.11
C LEU B 89 -27.01 -7.52 32.15
N ASN B 90 -27.54 -7.77 33.35
CA ASN B 90 -27.32 -6.86 34.46
C ASN B 90 -25.83 -6.71 34.70
N ALA B 91 -25.08 -7.81 34.76
CA ALA B 91 -23.64 -7.72 34.97
C ALA B 91 -22.85 -6.91 33.91
N LEU B 92 -23.33 -6.89 32.66
CA LEU B 92 -22.65 -6.16 31.58
C LEU B 92 -23.11 -4.68 31.47
N LYS B 93 -24.21 -4.32 32.14
CA LYS B 93 -24.64 -2.89 32.25
C LYS B 93 -23.43 -1.97 32.44
N GLY B 94 -23.29 -0.95 31.62
CA GLY B 94 -22.15 -0.02 31.70
C GLY B 94 -20.78 -0.49 31.21
N VAL B 95 -20.59 -1.76 30.82
CA VAL B 95 -19.25 -2.25 30.44
C VAL B 95 -18.95 -2.12 28.94
N THR B 96 -17.88 -1.43 28.64
CA THR B 96 -17.46 -1.13 27.30
C THR B 96 -16.14 -1.79 26.96
N ASP B 97 -15.30 -2.08 27.94
CA ASP B 97 -14.03 -2.74 27.70
C ASP B 97 -14.28 -4.21 27.31
N PRO B 98 -13.86 -4.62 26.09
CA PRO B 98 -14.02 -5.97 25.55
C PRO B 98 -13.47 -7.05 26.46
N GLU B 99 -12.31 -6.75 27.04
CA GLU B 99 -11.69 -7.65 27.99
C GLU B 99 -12.52 -7.76 29.30
N GLU B 100 -13.06 -6.65 29.81
CA GLU B 100 -13.97 -6.75 30.98
C GLU B 100 -15.24 -7.57 30.66
N LYS B 101 -15.78 -7.40 29.45
CA LYS B 101 -16.89 -8.25 28.99
C LYS B 101 -16.55 -9.72 29.04
N ARG B 102 -15.43 -10.11 28.46
CA ARG B 102 -14.97 -11.50 28.43
C ARG B 102 -14.78 -12.11 29.82
N LYS B 103 -14.18 -11.34 30.72
CA LYS B 103 -13.92 -11.78 32.08
C LYS B 103 -15.21 -11.99 32.86
N ILE B 104 -16.10 -11.01 32.81
CA ILE B 104 -17.43 -11.11 33.48
C ILE B 104 -18.27 -12.28 33.04
N ILE B 105 -18.39 -12.43 31.72
CA ILE B 105 -19.18 -13.50 31.14
C ILE B 105 -18.52 -14.88 31.45
N GLY B 106 -17.23 -15.04 31.15
CA GLY B 106 -16.53 -16.29 31.57
C GLY B 106 -16.75 -16.65 33.06
N LYS B 107 -16.78 -15.65 33.95
CA LYS B 107 -16.87 -15.93 35.38
C LYS B 107 -18.27 -16.37 35.80
N LEU B 108 -19.30 -15.65 35.35
CA LEU B 108 -20.69 -16.02 35.67
C LEU B 108 -20.99 -17.37 35.09
N PHE B 109 -20.54 -17.59 33.87
CA PHE B 109 -20.78 -18.86 33.21
C PHE B 109 -20.26 -20.05 34.07
N ILE B 110 -18.97 -20.03 34.40
CA ILE B 110 -18.36 -21.14 35.14
C ILE B 110 -18.89 -21.26 36.55
N ASP B 111 -19.27 -20.14 37.16
CA ASP B 111 -19.92 -20.19 38.47
C ASP B 111 -21.25 -20.94 38.44
N VAL B 112 -22.11 -20.62 37.48
CA VAL B 112 -23.35 -21.33 37.31
C VAL B 112 -23.05 -22.78 37.00
N PHE B 113 -22.02 -23.06 36.16
CA PHE B 113 -21.75 -24.43 35.77
C PHE B 113 -21.29 -25.26 36.96
N GLU B 114 -20.47 -24.65 37.83
CA GLU B 114 -19.93 -25.34 38.99
C GLU B 114 -21.04 -25.59 39.98
N GLU B 115 -21.90 -24.61 40.16
CA GLU B 115 -23.13 -24.84 40.95
C GLU B 115 -23.94 -26.11 40.58
N ILE B 116 -24.24 -26.27 39.30
CA ILE B 116 -24.98 -27.40 38.80
C ILE B 116 -24.19 -28.68 39.00
N ALA B 117 -22.88 -28.59 38.72
CA ALA B 117 -22.01 -29.78 38.88
C ALA B 117 -22.02 -30.21 40.34
N GLU B 118 -21.98 -29.26 41.28
CA GLU B 118 -22.15 -29.63 42.72
C GLU B 118 -23.52 -30.27 42.98
N ASP B 119 -24.60 -29.54 42.68
CA ASP B 119 -26.01 -30.07 42.84
C ASP B 119 -26.14 -31.53 42.46
N ILE B 120 -25.63 -31.87 41.29
CA ILE B 120 -25.71 -33.24 40.77
C ILE B 120 -24.57 -34.20 41.14
N LYS B 121 -23.57 -33.72 41.91
CA LYS B 121 -22.41 -34.53 42.33
C LYS B 121 -21.70 -35.18 41.16
N ALA B 122 -21.48 -34.40 40.11
CA ALA B 122 -20.77 -34.93 38.96
C ALA B 122 -19.36 -35.30 39.40
N GLU B 123 -18.78 -36.32 38.79
CA GLU B 123 -17.33 -36.63 38.97
C GLU B 123 -16.52 -36.52 37.70
N VAL B 124 -17.19 -36.69 36.55
CA VAL B 124 -16.57 -36.64 35.25
C VAL B 124 -17.10 -35.37 34.50
N LEU B 125 -16.17 -34.66 33.84
CA LEU B 125 -16.49 -33.56 32.89
C LEU B 125 -16.18 -34.11 31.47
N VAL B 126 -17.17 -34.09 30.59
CA VAL B 126 -16.95 -34.40 29.21
C VAL B 126 -16.84 -33.09 28.46
N GLN B 127 -15.85 -33.00 27.58
CA GLN B 127 -15.73 -31.84 26.73
C GLN B 127 -15.61 -32.30 25.30
N GLY B 128 -16.04 -31.42 24.39
CA GLY B 128 -15.91 -31.70 22.95
C GLY B 128 -14.63 -31.19 22.28
N THR B 129 -13.61 -30.88 23.09
CA THR B 129 -12.27 -30.52 22.62
C THR B 129 -11.83 -31.34 21.41
N ILE B 130 -11.39 -30.62 20.38
CA ILE B 130 -10.87 -31.26 19.17
C ILE B 130 -9.34 -31.12 19.10
N ALA B 131 -8.74 -31.82 18.14
CA ALA B 131 -7.32 -31.78 17.94
C ALA B 131 -6.97 -30.46 17.26
N PRO B 132 -5.78 -29.91 17.54
CA PRO B 132 -4.73 -30.53 18.40
C PRO B 132 -4.79 -30.15 19.90
N ASP B 133 -3.95 -30.84 20.67
CA ASP B 133 -3.86 -30.71 22.12
C ASP B 133 -2.78 -29.69 22.63
N TRP B 134 -2.07 -29.01 21.72
CA TRP B 134 -1.26 -27.80 22.09
C TRP B 134 -2.18 -26.55 22.02
N ILE B 135 -2.85 -26.27 23.14
CA ILE B 135 -3.86 -25.19 23.27
C ILE B 135 -4.40 -25.13 24.70
N HIS B 145 -6.29 -37.19 33.51
CA HIS B 145 -6.33 -35.72 33.48
C HIS B 145 -7.56 -35.27 34.26
N ASN B 146 -7.33 -34.56 35.35
CA ASN B 146 -8.32 -33.87 36.11
C ASN B 146 -8.28 -32.38 35.75
N VAL B 147 -9.35 -31.67 36.13
CA VAL B 147 -9.43 -30.21 35.97
C VAL B 147 -10.07 -29.73 37.23
N ALA B 148 -9.54 -28.64 37.76
CA ALA B 148 -10.04 -27.95 38.92
C ALA B 148 -10.83 -26.78 38.42
N LEU B 149 -12.08 -26.66 38.89
CA LEU B 149 -12.94 -25.58 38.53
C LEU B 149 -12.65 -24.49 39.48
N PRO B 150 -13.01 -23.24 39.13
CA PRO B 150 -12.47 -22.15 39.95
C PRO B 150 -12.78 -22.08 41.43
N HIS B 151 -13.85 -22.73 41.92
CA HIS B 151 -14.13 -22.71 43.37
C HIS B 151 -13.76 -24.04 44.01
N GLY B 152 -12.91 -24.78 43.29
CA GLY B 152 -12.21 -25.93 43.84
C GLY B 152 -12.65 -27.33 43.48
N MET B 153 -13.74 -27.47 42.75
CA MET B 153 -14.30 -28.76 42.49
C MET B 153 -13.45 -29.33 41.43
N VAL B 154 -13.16 -30.62 41.58
CA VAL B 154 -12.30 -31.32 40.64
C VAL B 154 -13.10 -32.40 39.91
N LEU B 155 -12.87 -32.47 38.59
CA LEU B 155 -13.54 -33.46 37.78
C LEU B 155 -12.53 -34.13 36.88
N GLU B 156 -12.66 -35.43 36.69
CA GLU B 156 -11.90 -36.10 35.66
C GLU B 156 -12.46 -35.78 34.26
N VAL B 157 -11.55 -35.49 33.32
CA VAL B 157 -11.92 -35.01 32.02
C VAL B 157 -11.92 -36.11 30.97
N VAL B 158 -13.02 -36.30 30.26
CA VAL B 158 -13.05 -37.16 29.07
C VAL B 158 -13.33 -36.35 27.79
N GLU B 159 -12.56 -36.62 26.75
CA GLU B 159 -12.52 -35.85 25.50
C GLU B 159 -12.48 -36.79 24.30
N PRO B 160 -13.65 -37.30 23.91
CA PRO B 160 -13.68 -38.33 22.84
C PRO B 160 -13.35 -37.83 21.46
N LEU B 161 -13.43 -36.54 21.21
CA LEU B 161 -13.02 -35.99 19.94
C LEU B 161 -11.59 -35.42 19.90
N ARG B 162 -10.79 -35.67 20.96
CA ARG B 162 -9.44 -35.08 21.13
C ARG B 162 -8.44 -35.30 19.96
N GLU B 163 -8.64 -36.32 19.14
CA GLU B 163 -7.78 -36.59 17.99
C GLU B 163 -8.42 -36.26 16.64
N LEU B 164 -9.68 -35.82 16.66
CA LEU B 164 -10.42 -35.53 15.44
C LEU B 164 -10.29 -34.07 14.99
N TYR B 165 -10.48 -33.86 13.67
CA TYR B 165 -10.56 -32.51 13.10
C TYR B 165 -12.00 -32.16 12.71
N LYS B 166 -12.14 -30.88 12.41
CA LYS B 166 -13.38 -30.23 11.98
C LYS B 166 -14.26 -31.15 11.09
N ASP B 167 -13.72 -31.51 9.92
CA ASP B 167 -14.42 -32.35 8.92
C ASP B 167 -14.79 -33.77 9.41
N GLU B 168 -13.94 -34.37 10.23
CA GLU B 168 -14.24 -35.69 10.80
C GLU B 168 -15.47 -35.56 11.68
N VAL B 169 -15.51 -34.52 12.50
CA VAL B 169 -16.62 -34.36 13.44
C VAL B 169 -17.97 -34.03 12.73
N ARG B 170 -17.90 -33.29 11.62
CA ARG B 170 -19.09 -33.03 10.84
C ARG B 170 -19.64 -34.34 10.30
N LEU B 171 -18.74 -35.19 9.80
CA LEU B 171 -19.10 -36.57 9.38
C LEU B 171 -19.74 -37.42 10.51
N LEU B 172 -19.21 -37.29 11.73
CA LEU B 172 -19.82 -37.95 12.91
C LEU B 172 -21.25 -37.54 13.29
N ALA B 173 -21.49 -36.23 13.30
CA ALA B 173 -22.81 -35.71 13.66
C ALA B 173 -23.83 -36.17 12.60
N LYS B 174 -23.43 -36.19 11.34
CA LYS B 174 -24.28 -36.75 10.25
C LYS B 174 -24.75 -38.16 10.67
N GLU B 175 -23.77 -39.04 10.86
CA GLU B 175 -24.04 -40.46 11.24
C GLU B 175 -24.93 -40.60 12.45
N LEU B 176 -24.74 -39.75 13.48
CA LEU B 176 -25.52 -39.85 14.74
C LEU B 176 -26.89 -39.19 14.63
N GLY B 177 -27.20 -38.67 13.44
CA GLY B 177 -28.51 -38.15 13.14
C GLY B 177 -28.82 -36.83 13.81
N LEU B 178 -27.80 -36.05 14.17
CA LEU B 178 -28.06 -34.72 14.65
C LEU B 178 -28.69 -33.88 13.52
N PRO B 179 -29.55 -32.93 13.86
CA PRO B 179 -30.06 -32.07 12.80
C PRO B 179 -28.99 -31.30 12.00
N ASP B 180 -29.27 -31.09 10.72
CA ASP B 180 -28.43 -30.28 9.82
C ASP B 180 -27.95 -28.92 10.41
N SER B 181 -28.80 -28.25 11.20
CA SER B 181 -28.45 -26.97 11.81
C SER B 181 -27.27 -27.11 12.79
N ILE B 182 -27.17 -28.26 13.48
CA ILE B 182 -26.01 -28.59 14.34
C ILE B 182 -24.81 -29.07 13.52
N VAL B 183 -25.04 -30.07 12.67
CA VAL B 183 -23.96 -30.65 11.85
C VAL B 183 -23.12 -29.56 11.17
N TYR B 184 -23.75 -28.54 10.60
CA TYR B 184 -23.01 -27.44 9.95
C TYR B 184 -23.01 -26.13 10.75
N ARG B 185 -23.29 -26.22 12.04
CA ARG B 185 -23.30 -25.04 12.88
C ARG B 185 -21.91 -24.43 12.82
N GLN B 186 -21.85 -23.11 12.59
CA GLN B 186 -20.61 -22.37 12.66
C GLN B 186 -20.20 -22.23 14.09
N PRO B 187 -18.87 -22.21 14.34
CA PRO B 187 -18.36 -21.88 15.68
C PRO B 187 -18.85 -20.54 16.21
N PHE B 188 -19.14 -20.52 17.50
CA PHE B 188 -19.74 -19.36 18.11
C PHE B 188 -18.97 -19.12 19.43
N PRO B 189 -18.59 -17.87 19.68
CA PRO B 189 -17.81 -17.56 20.91
C PRO B 189 -18.53 -17.79 22.24
N GLY B 190 -17.75 -18.11 23.29
CA GLY B 190 -18.28 -18.10 24.67
C GLY B 190 -19.04 -16.86 25.06
N PRO B 191 -18.43 -15.69 24.79
CA PRO B 191 -19.16 -14.48 25.10
C PRO B 191 -20.34 -14.16 24.18
N GLY B 192 -20.47 -14.95 23.11
CA GLY B 192 -21.65 -14.88 22.26
C GLY B 192 -21.73 -13.50 21.61
N LEU B 193 -22.94 -12.97 21.57
CA LEU B 193 -23.21 -11.69 20.99
C LEU B 193 -22.61 -10.53 21.71
N ALA B 194 -22.19 -10.69 22.96
CA ALA B 194 -21.60 -9.55 23.66
C ALA B 194 -20.34 -8.97 22.95
N VAL B 195 -19.58 -9.78 22.25
CA VAL B 195 -18.44 -9.27 21.44
C VAL B 195 -18.74 -8.97 19.96
N ARG B 196 -20.03 -9.09 19.62
CA ARG B 196 -20.60 -8.66 18.36
C ARG B 196 -21.51 -7.38 18.52
N VAL B 197 -21.50 -6.81 19.74
CA VAL B 197 -22.08 -5.55 20.06
C VAL B 197 -20.98 -4.74 20.66
N LEU B 198 -20.43 -3.81 19.87
CA LEU B 198 -19.35 -2.95 20.32
C LEU B 198 -19.90 -1.88 21.26
N GLY B 199 -19.05 -1.46 22.21
CA GLY B 199 -19.45 -0.66 23.34
C GLY B 199 -20.39 -1.44 24.29
N GLU B 200 -21.29 -0.72 24.92
CA GLU B 200 -22.17 -1.32 25.88
C GLU B 200 -23.19 -2.26 25.27
N VAL B 201 -23.32 -3.43 25.89
CA VAL B 201 -24.32 -4.38 25.46
C VAL B 201 -25.71 -4.04 26.02
N THR B 202 -26.39 -3.05 25.45
CA THR B 202 -27.79 -2.74 25.81
C THR B 202 -28.76 -3.67 25.11
N GLU B 203 -29.96 -3.72 25.68
CA GLU B 203 -31.00 -4.57 25.21
C GLU B 203 -31.38 -4.19 23.81
N GLU B 204 -31.31 -2.90 23.50
CA GLU B 204 -31.59 -2.37 22.16
C GLU B 204 -30.62 -2.91 21.13
N LYS B 205 -29.34 -2.69 21.40
CA LYS B 205 -28.27 -3.13 20.51
C LYS B 205 -28.17 -4.67 20.41
N LEU B 206 -28.38 -5.36 21.53
CA LEU B 206 -28.44 -6.82 21.55
C LEU B 206 -29.56 -7.33 20.66
N ASN B 207 -30.72 -6.70 20.73
CA ASN B 207 -31.84 -7.07 19.87
C ASN B 207 -31.52 -6.92 18.37
N ILE B 208 -30.99 -5.76 18.01
CA ILE B 208 -30.58 -5.51 16.65
C ILE B 208 -29.57 -6.61 16.26
N CYS B 209 -28.61 -6.87 17.13
CA CYS B 209 -27.54 -7.88 16.82
C CYS B 209 -28.10 -9.25 16.57
N ARG B 210 -28.97 -9.70 17.45
CA ARG B 210 -29.57 -11.01 17.34
C ARG B 210 -30.38 -11.18 16.04
N GLU B 211 -31.16 -10.15 15.65
CA GLU B 211 -32.04 -10.24 14.49
C GLU B 211 -31.19 -10.16 13.20
N ALA B 212 -30.19 -9.27 13.21
CA ALA B 212 -29.24 -9.20 12.04
C ALA B 212 -28.52 -10.52 11.81
N ASN B 213 -28.12 -11.18 12.89
CA ASN B 213 -27.44 -12.46 12.74
C ASN B 213 -28.37 -13.54 12.20
N ALA B 214 -29.65 -13.53 12.58
CA ALA B 214 -30.61 -14.50 12.09
C ALA B 214 -30.85 -14.33 10.60
N ILE B 215 -30.97 -13.08 10.13
CA ILE B 215 -31.02 -12.78 8.72
C ILE B 215 -29.78 -13.31 8.00
N VAL B 216 -28.59 -12.99 8.50
CA VAL B 216 -27.31 -13.51 7.89
C VAL B 216 -27.29 -15.04 7.81
N GLU B 217 -27.68 -15.71 8.89
CA GLU B 217 -27.66 -17.17 8.89
C GLU B 217 -28.63 -17.71 7.86
N GLU B 218 -29.86 -17.19 7.86
CA GLU B 218 -30.92 -17.68 6.94
C GLU B 218 -30.53 -17.55 5.49
N GLU B 219 -30.04 -16.36 5.10
CA GLU B 219 -29.63 -16.10 3.73
C GLU B 219 -28.40 -16.89 3.30
N VAL B 220 -27.41 -16.97 4.18
CA VAL B 220 -26.25 -17.80 3.87
C VAL B 220 -26.69 -19.29 3.66
N LYS B 221 -27.64 -19.75 4.48
CA LYS B 221 -28.13 -21.13 4.29
C LYS B 221 -28.84 -21.31 2.95
N LYS B 222 -29.71 -20.35 2.58
CA LYS B 222 -30.40 -20.36 1.27
C LYS B 222 -29.39 -20.42 0.15
N ALA B 223 -28.29 -19.66 0.27
CA ALA B 223 -27.21 -19.63 -0.74
C ALA B 223 -26.28 -20.87 -0.80
N ASN B 224 -26.50 -21.85 0.10
CA ASN B 224 -25.65 -23.06 0.25
C ASN B 224 -24.17 -22.73 0.57
N LEU B 225 -23.96 -21.63 1.29
CA LEU B 225 -22.60 -21.20 1.65
C LEU B 225 -22.27 -21.49 3.06
N ASP B 226 -23.24 -21.99 3.83
CA ASP B 226 -23.04 -22.49 5.18
C ASP B 226 -22.05 -23.65 5.32
N LYS B 227 -21.82 -24.40 4.25
CA LYS B 227 -20.85 -25.52 4.26
C LYS B 227 -19.45 -25.01 3.86
N ASP B 228 -19.38 -23.92 3.10
CA ASP B 228 -18.10 -23.37 2.65
C ASP B 228 -17.54 -22.35 3.65
N LEU B 229 -18.38 -21.58 4.31
CA LEU B 229 -17.85 -20.50 5.16
C LEU B 229 -17.48 -21.02 6.57
N TRP B 230 -16.43 -20.45 7.15
CA TRP B 230 -16.04 -20.73 8.52
C TRP B 230 -17.02 -20.03 9.43
N GLN B 231 -17.20 -18.72 9.24
CA GLN B 231 -18.11 -17.97 10.03
C GLN B 231 -18.77 -16.83 9.23
N TYR B 232 -19.95 -16.43 9.67
CA TYR B 232 -20.79 -15.48 8.92
C TYR B 232 -21.72 -14.91 9.94
N PHE B 233 -21.55 -13.60 10.24
CA PHE B 233 -22.23 -12.94 11.34
C PHE B 233 -22.36 -11.42 11.15
N ALA B 234 -23.20 -10.82 11.99
CA ALA B 234 -23.40 -9.40 12.02
C ALA B 234 -22.89 -8.85 13.40
N VAL B 235 -22.39 -7.63 13.34
CA VAL B 235 -21.86 -6.88 14.46
C VAL B 235 -22.58 -5.49 14.48
N VAL B 236 -23.01 -5.02 15.67
CA VAL B 236 -23.56 -3.69 15.86
C VAL B 236 -22.37 -2.86 16.26
N LEU B 237 -21.95 -1.97 15.39
CA LEU B 237 -20.85 -1.05 15.71
C LEU B 237 -21.36 0.03 16.66
N ASP B 238 -20.47 0.63 17.45
CA ASP B 238 -20.83 1.72 18.38
C ASP B 238 -20.45 3.05 17.71
N CYS B 239 -20.90 3.20 16.49
CA CYS B 239 -20.85 4.47 15.80
C CYS B 239 -22.09 4.43 14.95
N LYS B 240 -22.57 5.63 14.62
CA LYS B 240 -23.78 5.86 13.86
C LYS B 240 -23.46 6.57 12.56
N ALA B 241 -24.35 6.34 11.59
CA ALA B 241 -24.35 7.02 10.29
C ALA B 241 -25.75 7.47 9.89
N THR B 242 -25.82 8.31 8.87
CA THR B 242 -27.11 8.91 8.45
C THR B 242 -27.98 8.07 7.46
N GLY B 243 -29.28 8.33 7.56
CA GLY B 243 -30.32 7.66 6.77
C GLY B 243 -31.38 8.65 6.30
N VAL B 244 -32.22 8.17 5.39
CA VAL B 244 -33.40 8.87 4.88
C VAL B 244 -34.57 7.99 5.33
N ARG B 249 -32.50 14.03 8.12
CA ARG B 249 -31.30 13.19 8.22
C ARG B 249 -31.09 12.73 9.66
N GLU B 250 -31.45 11.47 9.92
CA GLU B 250 -31.34 10.86 11.24
C GLU B 250 -30.10 9.91 11.35
N TYR B 251 -29.54 9.86 12.55
CA TYR B 251 -28.41 8.99 12.92
C TYR B 251 -28.88 7.67 13.54
N ASN B 252 -28.32 6.55 13.08
CA ASN B 252 -28.56 5.28 13.70
C ASN B 252 -27.38 4.34 13.52
N TRP B 253 -27.53 3.20 14.17
CA TRP B 253 -26.51 2.18 14.24
C TRP B 253 -26.03 1.66 12.86
N ILE B 254 -24.71 1.59 12.73
CA ILE B 254 -24.11 0.82 11.63
C ILE B 254 -23.99 -0.67 12.03
N VAL B 255 -24.46 -1.56 11.16
CA VAL B 255 -24.25 -3.01 11.31
C VAL B 255 -23.14 -3.40 10.33
N ALA B 256 -22.21 -4.24 10.77
CA ALA B 256 -21.14 -4.75 9.89
C ALA B 256 -21.39 -6.24 9.69
N LEU B 257 -21.19 -6.72 8.47
CA LEU B 257 -21.24 -8.12 8.24
C LEU B 257 -19.84 -8.67 8.15
N ARG B 258 -19.69 -9.87 8.68
CA ARG B 258 -18.38 -10.51 8.74
C ARG B 258 -18.53 -11.92 8.27
N MET B 259 -17.83 -12.23 7.17
CA MET B 259 -17.88 -13.50 6.53
C MET B 259 -16.51 -13.88 6.08
N VAL B 260 -16.07 -15.05 6.53
CA VAL B 260 -14.73 -15.47 6.22
C VAL B 260 -14.65 -16.98 5.99
N LYS B 261 -13.63 -17.35 5.22
CA LYS B 261 -13.17 -18.72 5.09
C LYS B 261 -11.89 -18.88 5.89
N SER B 262 -11.74 -20.08 6.44
CA SER B 262 -10.62 -20.38 7.26
C SER B 262 -10.57 -21.88 7.45
N LEU B 263 -9.37 -22.41 7.66
CA LEU B 263 -9.19 -23.83 8.04
C LEU B 263 -9.49 -24.01 9.55
N ASP B 264 -8.80 -23.20 10.35
CA ASP B 264 -8.98 -23.11 11.80
C ASP B 264 -8.84 -21.62 12.01
N ALA B 265 -9.28 -21.06 13.12
CA ALA B 265 -9.41 -19.60 13.09
C ALA B 265 -8.06 -18.79 13.09
N MET B 266 -6.92 -19.45 12.77
CA MET B 266 -5.57 -18.88 12.84
C MET B 266 -5.28 -17.83 11.78
N THR B 267 -5.65 -18.14 10.55
CA THR B 267 -5.68 -17.12 9.50
C THR B 267 -7.07 -17.15 8.86
N ALA B 268 -7.43 -16.10 8.13
CA ALA B 268 -8.70 -16.07 7.47
C ALA B 268 -8.73 -15.13 6.25
N HIS B 269 -9.48 -15.50 5.22
CA HIS B 269 -9.68 -14.61 4.10
C HIS B 269 -11.19 -14.37 3.86
N VAL B 270 -11.51 -13.16 3.46
CA VAL B 270 -12.84 -12.81 3.01
C VAL B 270 -12.90 -13.30 1.56
N PRO B 271 -13.81 -14.24 1.25
CA PRO B 271 -13.90 -14.63 -0.17
C PRO B 271 -14.84 -13.69 -0.90
N GLU B 272 -14.89 -13.89 -2.21
CA GLU B 272 -15.90 -13.25 -3.05
C GLU B 272 -17.30 -13.75 -2.65
N ILE B 273 -18.08 -12.91 -2.02
CA ILE B 273 -19.46 -13.19 -1.68
C ILE B 273 -20.33 -12.62 -2.79
N PRO B 274 -21.26 -13.43 -3.37
CA PRO B 274 -22.11 -12.82 -4.39
C PRO B 274 -22.75 -11.49 -3.94
N PHE B 275 -22.62 -10.50 -4.81
CA PHE B 275 -23.14 -9.19 -4.55
C PHE B 275 -24.64 -9.17 -4.24
N ASP B 276 -25.36 -9.96 -5.00
CA ASP B 276 -26.78 -10.22 -4.78
C ASP B 276 -27.10 -10.62 -3.35
N LEU B 277 -26.33 -11.58 -2.79
CA LEU B 277 -26.50 -12.07 -1.42
C LEU B 277 -26.29 -10.96 -0.39
N LEU B 278 -25.19 -10.23 -0.55
CA LEU B 278 -24.87 -9.08 0.34
C LEU B 278 -25.98 -8.02 0.23
N LYS B 279 -26.43 -7.74 -0.98
CA LYS B 279 -27.50 -6.68 -1.20
C LYS B 279 -28.78 -7.07 -0.52
N ARG B 280 -29.15 -8.35 -0.66
CA ARG B 280 -30.38 -8.94 -0.10
C ARG B 280 -30.33 -8.91 1.46
N ILE B 281 -29.16 -9.27 2.01
CA ILE B 281 -28.97 -9.14 3.48
C ILE B 281 -29.09 -7.69 3.91
N SER B 282 -28.34 -6.84 3.26
CA SER B 282 -28.40 -5.44 3.59
C SER B 282 -29.85 -4.91 3.70
N LYS B 283 -30.67 -5.22 2.68
CA LYS B 283 -32.03 -4.67 2.60
C LYS B 283 -32.95 -5.33 3.59
N ARG B 284 -32.77 -6.65 3.83
CA ARG B 284 -33.56 -7.29 4.87
C ARG B 284 -33.32 -6.64 6.20
N ILE B 285 -32.05 -6.30 6.47
CA ILE B 285 -31.65 -5.71 7.74
C ILE B 285 -32.27 -4.31 7.94
N THR B 286 -32.11 -3.44 6.96
CA THR B 286 -32.68 -2.10 7.08
C THR B 286 -34.23 -2.05 7.02
N SER B 287 -34.86 -2.95 6.29
CA SER B 287 -36.32 -3.01 6.24
C SER B 287 -36.92 -3.66 7.49
N GLU B 288 -36.30 -4.76 7.96
CA GLU B 288 -36.90 -5.58 9.03
C GLU B 288 -36.47 -5.20 10.44
N ILE B 289 -35.36 -4.49 10.61
CA ILE B 289 -34.81 -4.12 11.95
C ILE B 289 -34.84 -2.62 12.04
N PRO B 290 -35.69 -2.08 12.93
CA PRO B 290 -35.69 -0.63 13.10
C PRO B 290 -34.38 -0.23 13.72
N ASN B 291 -34.04 1.02 13.55
CA ASN B 291 -32.87 1.64 14.16
C ASN B 291 -31.49 1.28 13.58
N VAL B 292 -31.48 0.73 12.37
CA VAL B 292 -30.20 0.49 11.66
C VAL B 292 -30.18 1.37 10.45
N ALA B 293 -29.21 2.29 10.39
CA ALA B 293 -29.08 3.20 9.23
C ALA B 293 -28.25 2.68 8.03
N ARG B 294 -27.35 1.74 8.28
CA ARG B 294 -26.34 1.41 7.33
C ARG B 294 -25.86 0.01 7.61
N VAL B 295 -25.52 -0.69 6.55
CA VAL B 295 -24.94 -2.00 6.61
C VAL B 295 -23.65 -1.88 5.78
N VAL B 296 -22.58 -2.44 6.33
CA VAL B 296 -21.27 -2.46 5.64
C VAL B 296 -20.77 -3.90 5.74
N PHE B 297 -19.77 -4.21 4.94
CA PHE B 297 -19.24 -5.54 4.76
C PHE B 297 -17.71 -5.47 4.98
N ASP B 298 -17.21 -6.34 5.85
CA ASP B 298 -15.80 -6.32 6.22
C ASP B 298 -14.99 -6.99 5.10
N ILE B 299 -14.07 -6.24 4.53
CA ILE B 299 -13.21 -6.72 3.47
C ILE B 299 -11.76 -6.81 3.97
N THR B 300 -11.58 -7.08 5.25
CA THR B 300 -10.23 -7.22 5.79
C THR B 300 -9.91 -8.69 6.12
N ASP B 301 -8.82 -9.20 5.53
CA ASP B 301 -8.33 -10.57 5.87
C ASP B 301 -7.67 -10.61 7.23
N LYS B 302 -7.50 -11.83 7.75
CA LYS B 302 -6.75 -12.09 8.94
C LYS B 302 -5.47 -12.84 8.54
N PRO B 303 -4.29 -12.21 8.65
CA PRO B 303 -4.02 -10.87 9.16
C PRO B 303 -4.32 -9.88 8.10
N PRO B 304 -4.43 -8.58 8.42
CA PRO B 304 -4.04 -7.95 9.66
C PRO B 304 -5.18 -7.85 10.69
N ALA B 305 -6.40 -8.23 10.31
CA ALA B 305 -7.55 -8.13 11.22
C ALA B 305 -7.63 -9.39 12.06
N THR B 306 -8.43 -9.33 13.12
CA THR B 306 -8.97 -10.51 13.76
C THR B 306 -10.35 -10.77 13.11
N ILE B 307 -10.90 -11.95 13.33
CA ILE B 307 -12.19 -12.34 12.78
C ILE B 307 -13.25 -11.45 13.46
N GLU B 308 -13.29 -11.47 14.81
CA GLU B 308 -14.27 -10.67 15.57
C GLU B 308 -13.85 -9.21 15.47
N PHE B 309 -14.75 -8.34 15.86
CA PHE B 309 -14.46 -6.90 15.82
C PHE B 309 -13.86 -6.35 17.12
N GLU B 310 -14.07 -7.06 18.24
CA GLU B 310 -13.37 -6.78 19.50
C GLU B 310 -12.93 -8.06 20.23
N ASP C 3 21.87 46.01 -11.24
CA ASP C 3 20.94 47.07 -11.75
C ASP C 3 20.23 46.60 -13.04
N PRO C 4 19.18 45.75 -12.90
CA PRO C 4 18.43 45.14 -14.02
C PRO C 4 18.00 46.02 -15.21
N LYS C 5 17.07 46.96 -15.01
CA LYS C 5 16.55 47.81 -16.09
C LYS C 5 17.61 48.77 -16.63
N LYS C 6 18.54 49.17 -15.74
CA LYS C 6 19.80 49.82 -16.12
C LYS C 6 20.58 49.02 -17.19
N PHE C 7 21.02 47.81 -16.82
CA PHE C 7 21.85 46.92 -17.68
C PHE C 7 21.24 46.65 -19.07
N ILE C 8 19.91 46.49 -19.11
CA ILE C 8 19.16 46.30 -20.36
C ILE C 8 19.37 47.45 -21.34
N ASP C 9 18.89 48.65 -20.99
CA ASP C 9 19.14 49.86 -21.80
C ASP C 9 20.66 50.01 -22.05
N GLU C 10 21.45 49.84 -20.99
CA GLU C 10 22.93 49.81 -21.05
C GLU C 10 23.51 48.98 -22.21
N ALA C 11 23.26 47.68 -22.17
CA ALA C 11 23.87 46.75 -23.12
C ALA C 11 23.23 46.77 -24.52
N VAL C 12 21.98 47.26 -24.62
CA VAL C 12 21.34 47.54 -25.93
C VAL C 12 22.18 48.56 -26.72
N GLU C 13 22.66 49.58 -26.01
CA GLU C 13 23.60 50.58 -26.55
C GLU C 13 24.97 50.01 -26.99
N GLU C 14 25.62 49.20 -26.13
CA GLU C 14 26.92 48.54 -26.48
C GLU C 14 26.78 47.54 -27.63
N ILE C 15 25.69 46.76 -27.61
CA ILE C 15 25.34 45.82 -28.69
C ILE C 15 25.13 46.54 -30.04
N LYS C 16 24.48 47.70 -30.00
CA LYS C 16 24.34 48.59 -31.18
C LYS C 16 25.72 48.89 -31.80
N GLN C 17 26.62 49.54 -31.05
CA GLN C 17 28.00 49.77 -31.52
C GLN C 17 28.76 48.47 -31.89
N GLN C 18 28.86 47.54 -30.95
CA GLN C 18 29.62 46.26 -31.14
C GLN C 18 29.33 45.54 -32.47
N ILE C 19 28.03 45.35 -32.72
CA ILE C 19 27.51 44.74 -33.94
C ILE C 19 26.95 45.81 -34.88
N ILE C 26 22.76 33.72 -33.55
CA ILE C 26 22.74 33.10 -32.22
C ILE C 26 22.30 31.63 -32.27
N ALA C 27 22.93 30.79 -31.45
CA ALA C 27 22.45 29.43 -31.13
C ALA C 27 21.55 29.52 -29.91
N LEU C 28 20.27 29.18 -30.07
CA LEU C 28 19.37 29.01 -28.93
C LEU C 28 19.42 27.54 -28.46
N SER C 29 19.82 27.36 -27.20
CA SER C 29 19.71 26.09 -26.47
C SER C 29 18.37 26.01 -25.71
N GLY C 30 17.68 27.14 -25.57
CA GLY C 30 16.56 27.25 -24.67
C GLY C 30 17.00 27.62 -23.26
N GLY C 31 18.31 27.55 -22.97
CA GLY C 31 18.89 27.97 -21.67
C GLY C 31 18.74 29.47 -21.47
N VAL C 32 18.66 29.91 -20.22
CA VAL C 32 18.49 31.34 -19.90
C VAL C 32 19.65 32.25 -20.38
N ASP C 33 20.85 31.66 -20.52
CA ASP C 33 22.03 32.36 -21.03
C ASP C 33 21.79 32.86 -22.44
N SER C 34 21.85 31.93 -23.41
CA SER C 34 21.51 32.19 -24.82
C SER C 34 20.22 33.03 -25.01
N SER C 35 19.17 32.68 -24.26
CA SER C 35 17.84 33.30 -24.42
C SER C 35 17.82 34.78 -24.05
N VAL C 36 18.41 35.09 -22.89
CA VAL C 36 18.64 36.48 -22.43
C VAL C 36 19.53 37.22 -23.43
N ALA C 37 20.67 36.62 -23.78
CA ALA C 37 21.59 37.15 -24.80
C ALA C 37 20.91 37.50 -26.14
N ALA C 38 19.98 36.65 -26.57
CA ALA C 38 19.33 36.81 -27.86
C ALA C 38 18.33 37.97 -27.85
N VAL C 39 17.50 38.07 -26.80
CA VAL C 39 16.60 39.23 -26.61
C VAL C 39 17.41 40.48 -26.23
N THR C 41 20.30 41.06 -28.10
CA THR C 41 20.71 41.29 -29.48
C THR C 41 19.58 41.79 -30.37
N HIS C 42 18.40 41.17 -30.27
CA HIS C 42 17.28 41.44 -31.18
C HIS C 42 16.70 42.85 -31.02
N LYS C 43 16.31 43.21 -29.80
CA LYS C 43 15.85 44.55 -29.47
C LYS C 43 16.84 45.58 -30.05
N ALA C 44 18.14 45.31 -29.95
CA ALA C 44 19.18 46.17 -30.55
C ALA C 44 19.30 46.11 -32.11
N ILE C 45 19.94 45.07 -32.64
CA ILE C 45 20.26 44.96 -34.08
C ILE C 45 19.15 44.36 -34.98
N GLY C 46 17.90 44.29 -34.49
CA GLY C 46 16.71 43.96 -35.30
C GLY C 46 16.74 42.70 -36.17
N ASP C 47 16.04 42.75 -37.32
CA ASP C 47 15.99 41.67 -38.34
C ASP C 47 17.36 41.22 -38.91
N LYS C 48 18.48 41.80 -38.45
CA LYS C 48 19.83 41.29 -38.80
C LYS C 48 20.25 40.00 -38.04
N LEU C 49 19.41 39.50 -37.13
CA LEU C 49 19.66 38.25 -36.37
C LEU C 49 18.95 37.04 -36.97
N THR C 50 19.74 36.06 -37.41
CA THR C 50 19.26 34.79 -37.95
C THR C 50 19.57 33.69 -36.94
N ALA C 51 18.56 33.29 -36.15
CA ALA C 51 18.75 32.45 -34.93
C ALA C 51 18.52 30.95 -35.12
N VAL C 52 19.58 30.16 -34.97
CA VAL C 52 19.50 28.70 -35.18
C VAL C 52 18.94 28.01 -33.92
N PHE C 53 18.11 26.98 -34.14
CA PHE C 53 17.79 25.94 -33.13
C PHE C 53 17.91 24.57 -33.76
N VAL C 54 19.01 23.87 -33.52
CA VAL C 54 19.10 22.47 -33.92
C VAL C 54 18.31 21.61 -32.94
N ASP C 55 17.24 21.00 -33.45
CA ASP C 55 16.57 19.91 -32.75
C ASP C 55 17.38 18.64 -32.96
N THR C 56 18.10 18.24 -31.93
CA THR C 56 18.93 17.03 -31.94
C THR C 56 18.14 15.78 -31.55
N GLY C 57 16.90 15.96 -31.10
CA GLY C 57 16.15 14.90 -30.39
C GLY C 57 16.69 14.55 -29.01
N LEU C 58 17.53 15.41 -28.45
CA LEU C 58 18.15 15.19 -27.15
C LEU C 58 17.84 16.31 -26.18
N MET C 59 16.93 17.22 -26.55
CA MET C 59 16.46 18.29 -25.65
C MET C 59 15.30 17.75 -24.82
N ARG C 60 14.86 18.55 -23.86
CA ARG C 60 13.75 18.15 -23.03
C ARG C 60 12.45 18.19 -23.83
N LYS C 61 11.47 17.37 -23.42
CA LYS C 61 10.18 17.29 -24.11
C LYS C 61 9.64 18.68 -24.35
N GLY C 62 9.31 18.98 -25.60
CA GLY C 62 8.63 20.22 -25.92
C GLY C 62 9.45 21.49 -25.97
N GLU C 63 10.77 21.35 -26.14
CA GLU C 63 11.65 22.52 -26.23
C GLU C 63 11.46 23.24 -27.57
N ARG C 64 11.38 22.48 -28.66
CA ARG C 64 11.03 23.02 -30.00
C ARG C 64 9.87 23.98 -29.90
N GLU C 65 8.75 23.50 -29.42
CA GLU C 65 7.54 24.33 -29.32
C GLU C 65 7.75 25.53 -28.39
N GLU C 66 8.49 25.29 -27.30
CA GLU C 66 8.94 26.32 -26.38
C GLU C 66 9.63 27.47 -27.10
N VAL C 67 10.69 27.19 -27.87
CA VAL C 67 11.49 28.25 -28.54
C VAL C 67 10.71 28.98 -29.68
N GLU C 68 9.90 28.24 -30.43
CA GLU C 68 9.01 28.83 -31.43
C GLU C 68 7.99 29.76 -30.75
N LYS C 69 7.30 29.28 -29.72
CA LYS C 69 6.25 30.10 -29.05
C LYS C 69 6.75 31.45 -28.58
N THR C 70 7.97 31.47 -28.02
CA THR C 70 8.54 32.67 -27.39
C THR C 70 9.51 33.50 -28.26
N PHE C 71 10.48 32.86 -28.90
CA PHE C 71 11.45 33.59 -29.72
C PHE C 71 10.94 33.93 -31.16
N ARG C 72 9.98 33.17 -31.70
CA ARG C 72 9.34 33.50 -33.01
C ARG C 72 8.03 34.29 -32.84
N ASP C 73 7.08 33.76 -32.09
CA ASP C 73 5.74 34.36 -32.05
C ASP C 73 5.60 35.52 -31.06
N LYS C 74 6.24 35.44 -29.89
CA LYS C 74 6.17 36.55 -28.91
C LYS C 74 7.20 37.62 -29.25
N LEU C 75 8.48 37.26 -29.14
CA LEU C 75 9.59 38.21 -29.28
C LEU C 75 9.82 38.68 -30.72
N GLY C 76 9.43 37.86 -31.69
CA GLY C 76 9.51 38.23 -33.12
C GLY C 76 10.87 38.12 -33.77
N LEU C 77 11.80 37.38 -33.16
CA LEU C 77 13.11 37.14 -33.78
C LEU C 77 12.97 36.32 -35.08
N ASN C 78 13.90 36.51 -36.00
CA ASN C 78 14.01 35.65 -37.16
C ASN C 78 14.68 34.33 -36.68
N LEU C 79 13.90 33.24 -36.64
CA LEU C 79 14.35 31.91 -36.13
C LEU C 79 14.37 30.79 -37.19
N ILE C 80 15.48 30.06 -37.29
CA ILE C 80 15.64 28.88 -38.16
C ILE C 80 15.77 27.55 -37.36
N VAL C 81 14.90 26.57 -37.67
CA VAL C 81 14.92 25.23 -37.05
C VAL C 81 15.48 24.17 -38.00
N VAL C 82 16.37 23.31 -37.50
CA VAL C 82 16.81 22.11 -38.22
C VAL C 82 16.36 20.83 -37.49
N ASP C 83 15.54 20.01 -38.17
CA ASP C 83 15.22 18.67 -37.67
C ASP C 83 16.42 17.77 -37.97
N ALA C 84 17.27 17.58 -36.97
CA ALA C 84 18.36 16.63 -37.05
C ALA C 84 18.10 15.37 -36.23
N LYS C 85 16.87 15.21 -35.71
CA LYS C 85 16.50 14.04 -34.86
C LYS C 85 17.07 12.75 -35.40
N ASP C 86 16.65 12.40 -36.62
CA ASP C 86 17.03 11.14 -37.28
C ASP C 86 18.52 11.06 -37.57
N ARG C 87 19.10 12.18 -37.98
CA ARG C 87 20.54 12.29 -38.28
C ARG C 87 21.37 11.91 -37.05
N PHE C 88 21.12 12.65 -35.95
CA PHE C 88 21.77 12.39 -34.65
C PHE C 88 21.59 10.98 -34.10
N LEU C 89 20.37 10.46 -34.21
CA LEU C 89 20.04 9.08 -33.83
C LEU C 89 20.78 8.02 -34.68
N ASN C 90 20.78 8.20 -36.01
CA ASN C 90 21.66 7.43 -36.94
C ASN C 90 23.16 7.61 -36.61
N ALA C 91 23.54 8.84 -36.25
CA ALA C 91 24.93 9.22 -35.94
C ALA C 91 25.45 8.80 -34.56
N LEU C 92 24.54 8.38 -33.67
CA LEU C 92 24.95 7.82 -32.37
C LEU C 92 24.79 6.30 -32.32
N LYS C 93 24.04 5.68 -33.25
CA LYS C 93 23.81 4.20 -33.25
C LYS C 93 25.12 3.46 -33.05
N GLY C 94 25.09 2.47 -32.16
CA GLY C 94 26.27 1.67 -31.84
C GLY C 94 27.20 2.30 -30.82
N VAL C 95 27.18 3.63 -30.69
CA VAL C 95 28.13 4.36 -29.85
C VAL C 95 27.72 4.12 -28.40
N THR C 96 28.46 3.25 -27.74
CA THR C 96 28.18 2.85 -26.36
C THR C 96 29.02 3.61 -25.33
N ASP C 97 30.01 4.39 -25.79
CA ASP C 97 31.01 5.02 -24.89
C ASP C 97 30.62 6.48 -24.58
N PRO C 98 30.64 6.86 -23.28
CA PRO C 98 30.32 8.20 -22.77
C PRO C 98 31.00 9.40 -23.44
N GLU C 99 32.30 9.28 -23.70
CA GLU C 99 33.07 10.34 -24.37
C GLU C 99 32.80 10.32 -25.87
N GLU C 100 32.90 9.14 -26.47
CA GLU C 100 32.49 8.92 -27.89
C GLU C 100 31.12 9.51 -28.28
N LYS C 101 30.17 9.43 -27.34
CA LYS C 101 28.83 9.98 -27.50
C LYS C 101 28.90 11.48 -27.50
N ARG C 102 29.53 12.02 -26.45
CA ARG C 102 29.80 13.45 -26.35
C ARG C 102 30.58 13.97 -27.58
N LYS C 103 31.46 13.11 -28.11
CA LYS C 103 32.18 13.34 -29.37
C LYS C 103 31.26 13.40 -30.60
N ILE C 104 30.60 12.29 -30.92
CA ILE C 104 29.69 12.21 -32.08
C ILE C 104 28.64 13.33 -32.05
N ILE C 105 28.19 13.71 -30.85
CA ILE C 105 27.30 14.88 -30.65
C ILE C 105 28.01 16.23 -30.89
N GLY C 106 29.26 16.32 -30.45
CA GLY C 106 30.10 17.51 -30.74
C GLY C 106 30.18 17.77 -32.25
N LYS C 107 30.58 16.74 -32.99
CA LYS C 107 30.70 16.74 -34.46
C LYS C 107 29.47 17.30 -35.19
N LEU C 108 28.36 16.55 -35.15
CA LEU C 108 27.16 16.90 -35.92
C LEU C 108 26.58 18.28 -35.61
N PHE C 109 26.73 18.78 -34.37
CA PHE C 109 26.24 20.13 -34.05
C PHE C 109 27.10 21.23 -34.66
N ILE C 110 28.42 21.04 -34.66
CA ILE C 110 29.33 21.94 -35.37
C ILE C 110 28.89 22.08 -36.83
N ASP C 111 28.83 20.93 -37.52
CA ASP C 111 28.50 20.84 -38.95
C ASP C 111 27.13 21.45 -39.33
N VAL C 112 26.15 21.37 -38.44
CA VAL C 112 24.79 21.90 -38.67
C VAL C 112 24.75 23.40 -38.43
N PHE C 113 25.42 23.85 -37.37
CA PHE C 113 25.63 25.29 -37.15
C PHE C 113 26.49 25.90 -38.28
N GLU C 114 27.33 25.08 -38.90
CA GLU C 114 28.03 25.44 -40.15
C GLU C 114 27.03 25.81 -41.25
N GLU C 115 26.26 24.82 -41.72
CA GLU C 115 25.26 25.01 -42.78
C GLU C 115 24.38 26.25 -42.56
N ILE C 116 23.98 26.53 -41.31
CA ILE C 116 23.21 27.73 -41.01
C ILE C 116 24.09 28.98 -41.07
N GLU C 118 27.37 29.57 -42.66
CA GLU C 118 27.55 29.61 -44.12
C GLU C 118 26.28 30.13 -44.84
N ASP C 119 25.11 29.59 -44.53
CA ASP C 119 23.86 30.07 -45.16
C ASP C 119 23.52 31.55 -44.90
N ILE C 120 24.04 32.14 -43.82
CA ILE C 120 23.68 33.51 -43.40
C ILE C 120 24.90 34.43 -43.33
N LEU C 125 29.04 34.87 -34.09
CA LEU C 125 28.47 33.93 -33.16
C LEU C 125 28.22 34.60 -31.83
N VAL C 126 27.14 35.39 -31.76
CA VAL C 126 26.65 35.96 -30.49
C VAL C 126 26.52 34.81 -29.47
N GLN C 127 27.06 35.02 -28.27
CA GLN C 127 27.12 33.98 -27.24
C GLN C 127 26.65 34.44 -25.87
N GLY C 128 26.24 33.47 -25.05
CA GLY C 128 25.87 33.71 -23.67
C GLY C 128 26.99 33.25 -22.77
N THR C 129 28.22 33.68 -23.07
CA THR C 129 29.36 33.46 -22.19
C THR C 129 29.16 34.33 -20.95
N ILE C 130 29.38 33.73 -19.77
CA ILE C 130 28.96 34.30 -18.46
C ILE C 130 30.07 34.49 -17.37
N ALA C 131 31.33 34.25 -17.71
CA ALA C 131 32.45 34.24 -16.74
C ALA C 131 32.18 33.37 -15.49
N VAL C 154 35.70 31.42 -40.01
CA VAL C 154 35.97 32.12 -38.77
C VAL C 154 34.97 33.24 -38.56
N LEU C 155 34.80 33.65 -37.30
CA LEU C 155 33.95 34.79 -36.93
C LEU C 155 34.34 35.29 -35.54
N GLU C 156 33.63 36.30 -35.06
CA GLU C 156 33.95 36.95 -33.78
C GLU C 156 32.72 36.97 -32.85
N VAL C 157 32.83 36.31 -31.70
CA VAL C 157 31.69 36.13 -30.79
C VAL C 157 31.42 37.34 -29.87
N VAL C 158 30.39 38.14 -30.20
CA VAL C 158 29.94 39.27 -29.35
C VAL C 158 29.32 38.71 -28.07
N GLU C 159 30.07 38.73 -26.97
CA GLU C 159 29.69 38.04 -25.72
C GLU C 159 29.15 39.02 -24.65
N PRO C 160 28.00 39.70 -24.91
CA PRO C 160 27.53 40.78 -24.03
C PRO C 160 27.22 40.38 -22.59
N LEU C 161 27.04 39.09 -22.35
CA LEU C 161 26.81 38.57 -21.00
C LEU C 161 28.11 38.28 -20.25
N ARG C 162 29.25 38.23 -20.96
CA ARG C 162 30.60 37.93 -20.40
C ARG C 162 30.89 38.49 -18.99
N GLU C 163 30.69 39.80 -18.85
CA GLU C 163 30.95 40.53 -17.61
C GLU C 163 29.81 40.46 -16.56
N LEU C 164 28.77 39.66 -16.81
CA LEU C 164 27.73 39.33 -15.80
C LEU C 164 27.84 37.86 -15.35
N TYR C 165 26.94 37.46 -14.46
CA TYR C 165 26.76 36.04 -14.05
C TYR C 165 25.30 35.72 -13.60
N LYS C 166 25.08 34.52 -13.04
CA LYS C 166 23.75 33.93 -12.79
C LYS C 166 22.67 34.88 -12.27
N ASP C 167 22.97 35.53 -11.15
CA ASP C 167 22.06 36.50 -10.53
C ASP C 167 21.85 37.74 -11.42
N GLU C 168 22.85 38.08 -12.23
CA GLU C 168 22.68 39.10 -13.28
C GLU C 168 21.72 38.57 -14.35
N VAL C 169 22.15 37.54 -15.08
CA VAL C 169 21.42 36.97 -16.22
C VAL C 169 19.91 36.74 -15.99
N ARG C 170 19.54 36.30 -14.80
CA ARG C 170 18.12 36.04 -14.46
C ARG C 170 17.30 37.29 -14.18
N LEU C 171 17.90 38.28 -13.51
CA LEU C 171 17.24 39.56 -13.25
C LEU C 171 16.97 40.30 -14.57
N LEU C 172 17.98 40.28 -15.45
CA LEU C 172 17.88 40.76 -16.85
C LEU C 172 16.70 40.08 -17.56
N ALA C 173 16.73 38.75 -17.54
CA ALA C 173 15.74 37.91 -18.22
C ALA C 173 14.33 38.10 -17.66
N LYS C 174 14.26 38.38 -16.35
CA LYS C 174 13.03 38.85 -15.71
C LYS C 174 12.56 40.13 -16.42
N GLU C 175 13.43 41.14 -16.44
CA GLU C 175 13.12 42.46 -17.02
C GLU C 175 12.79 42.37 -18.52
N LEU C 176 13.47 41.47 -19.26
CA LEU C 176 13.31 41.39 -20.73
C LEU C 176 12.12 40.54 -21.23
N GLY C 177 11.16 40.26 -20.35
CA GLY C 177 9.86 39.65 -20.75
C GLY C 177 9.77 38.13 -20.70
N LEU C 178 10.93 37.46 -20.68
CA LEU C 178 11.02 36.01 -20.89
C LEU C 178 10.16 35.24 -19.89
N PRO C 179 9.61 34.10 -20.29
CA PRO C 179 8.78 33.35 -19.35
C PRO C 179 9.61 32.63 -18.26
N ASP C 180 8.99 32.40 -17.10
CA ASP C 180 9.58 31.59 -16.01
C ASP C 180 10.24 30.28 -16.45
N SER C 181 9.55 29.53 -17.30
CA SER C 181 10.04 28.29 -17.92
C SER C 181 11.49 28.32 -18.38
N ILE C 182 11.93 29.50 -18.80
CA ILE C 182 13.31 29.75 -19.19
C ILE C 182 14.09 30.37 -18.02
N VAL C 183 13.56 31.41 -17.37
CA VAL C 183 14.42 32.23 -16.48
C VAL C 183 14.82 31.52 -15.19
N TYR C 184 13.92 30.72 -14.65
CA TYR C 184 14.19 29.96 -13.43
C TYR C 184 14.52 28.48 -13.75
N ARG C 185 15.08 28.23 -14.92
CA ARG C 185 15.25 26.87 -15.44
C ARG C 185 16.50 26.27 -14.89
N GLN C 186 16.52 24.96 -14.70
CA GLN C 186 17.73 24.27 -14.23
C GLN C 186 18.77 24.17 -15.33
N PRO C 187 20.07 24.16 -14.96
CA PRO C 187 21.11 23.87 -15.98
C PRO C 187 20.97 22.50 -16.61
N PHE C 188 21.17 22.45 -17.91
CA PHE C 188 20.97 21.26 -18.72
C PHE C 188 22.24 21.10 -19.58
N PRO C 189 22.79 19.88 -19.72
CA PRO C 189 24.01 19.75 -20.52
C PRO C 189 23.83 19.97 -22.04
N GLY C 190 24.94 20.20 -22.76
CA GLY C 190 24.98 20.25 -24.25
C GLY C 190 24.61 18.94 -24.95
N PRO C 191 25.32 17.85 -24.64
CA PRO C 191 24.90 16.53 -25.17
C PRO C 191 23.47 16.02 -24.78
N GLY C 192 22.80 16.73 -23.88
CA GLY C 192 21.37 16.55 -23.58
C GLY C 192 21.05 15.19 -22.95
N LEU C 193 19.88 14.67 -23.31
CA LEU C 193 19.44 13.36 -22.85
C LEU C 193 20.35 12.20 -23.27
N ALA C 194 21.32 12.43 -24.17
CA ALA C 194 22.28 11.34 -24.53
C ALA C 194 23.11 10.79 -23.36
N VAL C 195 23.53 11.69 -22.48
CA VAL C 195 24.26 11.30 -21.26
C VAL C 195 23.36 10.86 -20.09
N ARG C 196 22.05 10.93 -20.29
CA ARG C 196 21.02 10.50 -19.32
C ARG C 196 20.27 9.24 -19.85
N VAL C 197 20.79 8.70 -20.94
CA VAL C 197 20.43 7.39 -21.38
C VAL C 197 21.76 6.65 -21.35
N LEU C 198 21.90 5.71 -20.41
CA LEU C 198 23.18 4.99 -20.30
C LEU C 198 23.33 4.04 -21.49
N GLY C 199 24.56 3.90 -22.01
CA GLY C 199 24.85 3.02 -23.15
C GLY C 199 24.28 3.55 -24.46
N GLU C 200 23.78 2.65 -25.29
CA GLU C 200 23.31 2.99 -26.61
C GLU C 200 22.06 3.87 -26.52
N VAL C 201 22.24 5.09 -26.97
CA VAL C 201 21.18 6.06 -27.14
C VAL C 201 20.25 5.54 -28.25
N THR C 202 19.14 4.86 -27.88
CA THR C 202 18.11 4.43 -28.82
C THR C 202 16.86 5.30 -28.66
N GLU C 203 15.94 5.24 -29.62
CA GLU C 203 14.73 6.04 -29.54
C GLU C 203 13.76 5.55 -28.46
N GLU C 204 13.71 4.24 -28.23
CA GLU C 204 12.99 3.68 -27.09
C GLU C 204 13.46 4.37 -25.77
N LYS C 205 14.76 4.44 -25.61
CA LYS C 205 15.40 4.97 -24.43
C LYS C 205 15.27 6.48 -24.35
N LEU C 206 15.37 7.17 -25.49
CA LEU C 206 15.10 8.62 -25.49
C LEU C 206 13.68 8.97 -25.11
N ASN C 207 12.72 8.22 -25.65
CA ASN C 207 11.29 8.44 -25.31
C ASN C 207 11.06 8.34 -23.79
N ILE C 208 11.58 7.28 -23.17
CA ILE C 208 11.41 7.06 -21.76
C ILE C 208 12.04 8.20 -20.95
N CYS C 209 13.28 8.52 -21.26
CA CYS C 209 14.01 9.62 -20.67
C CYS C 209 13.32 10.96 -20.81
N ARG C 210 12.84 11.23 -22.02
CA ARG C 210 12.11 12.46 -22.31
C ARG C 210 10.79 12.56 -21.47
N GLU C 211 10.10 11.43 -21.28
CA GLU C 211 8.80 11.45 -20.64
C GLU C 211 9.01 11.52 -19.13
N ALA C 212 10.00 10.80 -18.62
CA ALA C 212 10.29 10.75 -17.19
C ALA C 212 10.83 12.06 -16.68
N ASN C 213 11.75 12.70 -17.39
CA ASN C 213 12.16 14.06 -17.04
C ASN C 213 11.02 15.05 -16.97
N ALA C 214 10.07 14.93 -17.90
CA ALA C 214 8.91 15.87 -17.87
C ALA C 214 8.06 15.59 -16.64
N ILE C 215 7.97 14.32 -16.18
CA ILE C 215 7.24 14.04 -14.93
C ILE C 215 8.03 14.61 -13.75
N VAL C 216 9.33 14.42 -13.75
CA VAL C 216 10.18 14.96 -12.69
C VAL C 216 10.06 16.51 -12.58
N GLU C 217 10.18 17.22 -13.69
CA GLU C 217 10.05 18.70 -13.64
C GLU C 217 8.72 19.19 -13.12
N GLU C 218 7.67 18.76 -13.78
CA GLU C 218 6.30 19.06 -13.28
C GLU C 218 6.11 18.86 -11.78
N GLU C 219 6.49 17.70 -11.26
CA GLU C 219 6.23 17.39 -9.88
C GLU C 219 7.08 18.16 -8.90
N VAL C 220 8.33 18.39 -9.27
CA VAL C 220 9.22 19.23 -8.42
C VAL C 220 8.66 20.69 -8.42
N LYS C 221 8.17 21.17 -9.56
CA LYS C 221 7.59 22.53 -9.57
C LYS C 221 6.29 22.61 -8.75
N LYS C 222 5.38 21.64 -8.87
CA LYS C 222 4.20 21.59 -7.95
C LYS C 222 4.54 21.54 -6.44
N ALA C 223 5.56 20.75 -6.07
CA ALA C 223 6.05 20.73 -4.71
C ALA C 223 6.86 22.00 -4.32
N ASN C 224 7.11 22.94 -5.24
CA ASN C 224 7.87 24.20 -4.94
C ASN C 224 9.25 23.96 -4.42
N LEU C 225 9.94 23.04 -5.09
CA LEU C 225 11.28 22.70 -4.77
C LEU C 225 12.18 23.06 -5.89
N ASP C 226 11.61 23.52 -7.00
CA ASP C 226 12.40 23.88 -8.18
C ASP C 226 13.40 25.01 -8.00
N LYS C 227 13.25 25.83 -6.98
CA LYS C 227 14.18 26.97 -6.75
C LYS C 227 15.33 26.58 -5.78
N ASP C 228 15.02 25.77 -4.77
CA ASP C 228 15.98 25.20 -3.82
C ASP C 228 16.94 24.15 -4.38
N LEU C 229 16.58 23.48 -5.48
CA LEU C 229 17.37 22.38 -6.05
C LEU C 229 18.25 22.84 -7.18
N TRP C 230 19.48 22.38 -7.26
CA TRP C 230 20.34 22.77 -8.39
C TRP C 230 19.96 22.03 -9.72
N GLN C 231 19.76 20.74 -9.60
CA GLN C 231 19.26 19.87 -10.68
C GLN C 231 18.33 18.73 -10.18
N TYR C 232 17.49 18.24 -11.07
CA TYR C 232 16.39 17.34 -10.77
C TYR C 232 15.99 16.75 -12.11
N PHE C 233 16.48 15.53 -12.37
CA PHE C 233 16.31 14.83 -13.61
C PHE C 233 16.26 13.30 -13.47
N ALA C 234 15.93 12.67 -14.59
CA ALA C 234 15.81 11.26 -14.68
C ALA C 234 16.77 10.73 -15.74
N VAL C 235 17.18 9.49 -15.52
CA VAL C 235 18.16 8.78 -16.31
C VAL C 235 17.67 7.37 -16.59
N VAL C 236 17.85 6.92 -17.81
CA VAL C 236 17.50 5.54 -18.12
C VAL C 236 18.74 4.73 -17.96
N LEU C 237 18.72 3.79 -17.03
CA LEU C 237 19.86 2.89 -16.85
C LEU C 237 19.88 1.86 -17.95
N ASP C 238 21.05 1.38 -18.37
CA ASP C 238 21.11 0.25 -19.31
C ASP C 238 21.20 -1.07 -18.53
N CYS C 239 20.21 -1.27 -17.69
CA CYS C 239 20.05 -2.52 -16.94
C CYS C 239 18.54 -2.56 -16.65
N LYS C 240 18.07 -3.75 -16.36
CA LYS C 240 16.65 -4.00 -16.33
C LYS C 240 16.34 -4.71 -15.07
N ALA C 241 15.10 -4.60 -14.64
CA ALA C 241 14.64 -5.32 -13.50
C ALA C 241 13.21 -5.78 -13.72
N THR C 242 12.78 -6.67 -12.84
CA THR C 242 11.52 -7.31 -12.98
C THR C 242 10.37 -6.55 -12.38
N GLY C 243 9.23 -6.79 -12.98
CA GLY C 243 7.94 -6.20 -12.66
C GLY C 243 6.85 -7.23 -12.89
N VAL C 244 5.74 -7.08 -12.19
CA VAL C 244 4.76 -8.16 -12.15
C VAL C 244 3.71 -7.68 -13.16
N LYS C 245 3.74 -8.26 -14.37
CA LYS C 245 2.83 -7.89 -15.50
C LYS C 245 1.82 -9.04 -15.72
N GLY C 246 0.58 -8.74 -15.35
CA GLY C 246 -0.49 -9.73 -15.22
C GLY C 246 -0.13 -10.86 -14.26
N ASP C 247 0.33 -11.97 -14.83
CA ASP C 247 0.83 -13.15 -14.09
C ASP C 247 2.33 -13.35 -14.22
N GLU C 248 2.94 -12.96 -15.35
CA GLU C 248 4.37 -13.15 -15.59
C GLU C 248 5.25 -12.12 -14.84
N ARG C 249 6.52 -12.51 -14.60
CA ARG C 249 7.59 -11.64 -14.10
C ARG C 249 8.37 -11.12 -15.32
N GLU C 250 8.07 -9.89 -15.75
CA GLU C 250 8.62 -9.28 -17.00
C GLU C 250 9.77 -8.30 -16.70
N TYR C 251 10.76 -8.22 -17.60
CA TYR C 251 11.96 -7.43 -17.45
C TYR C 251 11.74 -6.05 -18.11
N ASN C 252 12.09 -4.95 -17.46
CA ASN C 252 12.08 -3.66 -18.19
C ASN C 252 13.03 -2.65 -17.58
N TRP C 253 13.13 -1.48 -18.21
CA TRP C 253 14.19 -0.54 -17.91
C TRP C 253 14.04 0.00 -16.48
N ILE C 254 15.16 0.45 -15.93
CA ILE C 254 15.23 1.05 -14.65
C ILE C 254 15.45 2.55 -14.94
N VAL C 255 14.60 3.41 -14.38
CA VAL C 255 14.82 4.82 -14.37
C VAL C 255 15.39 5.25 -13.00
N ALA C 256 16.43 6.07 -13.02
CA ALA C 256 17.06 6.58 -11.81
C ALA C 256 16.65 8.03 -11.72
N LEU C 257 16.37 8.49 -10.52
CA LEU C 257 16.09 9.88 -10.28
C LEU C 257 17.31 10.52 -9.64
N ARG C 258 17.69 11.71 -10.10
CA ARG C 258 18.86 12.41 -9.60
C ARG C 258 18.39 13.79 -9.18
N MET C 259 18.47 14.10 -7.87
CA MET C 259 18.14 15.38 -7.33
C MET C 259 19.24 15.77 -6.34
N VAL C 260 19.73 17.00 -6.53
CA VAL C 260 20.88 17.56 -5.81
C VAL C 260 20.78 19.08 -5.64
N LYS C 261 21.44 19.56 -4.57
CA LYS C 261 21.87 20.95 -4.35
C LYS C 261 23.38 20.95 -4.50
N SER C 262 23.96 22.02 -5.03
CA SER C 262 25.42 22.05 -5.32
C SER C 262 26.11 23.39 -4.96
N LEU C 263 26.99 23.34 -3.97
CA LEU C 263 27.72 24.56 -3.55
C LEU C 263 28.59 25.14 -4.69
N ASP C 264 29.28 24.26 -5.40
CA ASP C 264 30.23 24.63 -6.44
C ASP C 264 30.53 23.44 -7.33
N ALA C 265 31.40 23.67 -8.29
CA ALA C 265 31.77 22.67 -9.25
C ALA C 265 32.27 21.36 -8.69
N MET C 266 32.84 21.32 -7.48
CA MET C 266 33.34 20.04 -6.93
C MET C 266 32.40 19.29 -5.94
N THR C 267 31.28 19.89 -5.63
CA THR C 267 30.52 19.54 -4.44
C THR C 267 29.02 19.52 -4.74
N ALA C 268 28.36 18.45 -4.30
CA ALA C 268 26.89 18.36 -4.33
C ALA C 268 26.41 17.38 -3.31
N HIS C 269 25.17 17.63 -2.87
CA HIS C 269 24.54 16.75 -1.94
C HIS C 269 23.15 16.46 -2.41
N VAL C 270 22.70 15.26 -2.06
CA VAL C 270 21.30 14.86 -2.25
C VAL C 270 20.60 15.32 -1.01
N PRO C 271 19.61 16.22 -1.15
CA PRO C 271 18.94 16.64 0.02
C PRO C 271 17.81 15.68 0.36
N GLU C 272 17.25 15.83 1.54
CA GLU C 272 16.08 15.08 1.92
C GLU C 272 14.90 15.57 1.11
N ILE C 273 14.43 14.77 0.16
CA ILE C 273 13.25 15.12 -0.70
C ILE C 273 11.99 14.57 -0.01
N PRO C 274 10.89 15.35 0.09
CA PRO C 274 9.74 14.74 0.81
C PRO C 274 9.34 13.35 0.23
N PHE C 275 9.15 12.39 1.08
CA PHE C 275 8.98 11.05 0.62
C PHE C 275 7.79 10.89 -0.31
N ASP C 276 6.74 11.65 -0.02
CA ASP C 276 5.53 11.55 -0.78
C ASP C 276 5.73 12.06 -2.21
N LEU C 277 6.64 13.02 -2.39
CA LEU C 277 7.01 13.46 -3.71
C LEU C 277 7.74 12.35 -4.45
N LEU C 278 8.69 11.69 -3.82
CA LEU C 278 9.35 10.58 -4.52
C LEU C 278 8.33 9.52 -4.92
N LYS C 279 7.41 9.19 -4.01
CA LYS C 279 6.43 8.14 -4.27
C LYS C 279 5.56 8.48 -5.47
N ARG C 280 5.22 9.77 -5.64
CA ARG C 280 4.37 10.28 -6.68
C ARG C 280 5.04 10.25 -7.99
N ILE C 281 6.28 10.73 -8.02
CA ILE C 281 7.07 10.60 -9.21
C ILE C 281 7.22 9.13 -9.62
N SER C 282 7.49 8.24 -8.66
CA SER C 282 7.73 6.81 -9.03
C SER C 282 6.45 6.25 -9.76
N LYS C 283 5.32 6.46 -9.08
CA LYS C 283 4.03 6.02 -9.57
C LYS C 283 3.66 6.55 -10.89
N ARG C 284 3.78 7.88 -11.13
CA ARG C 284 3.52 8.42 -12.43
C ARG C 284 4.47 7.84 -13.48
N ILE C 285 5.74 7.73 -13.15
CA ILE C 285 6.65 7.11 -14.14
C ILE C 285 6.18 5.70 -14.53
N THR C 286 5.92 4.84 -13.54
CA THR C 286 5.55 3.48 -13.89
C THR C 286 4.10 3.37 -14.53
N SER C 287 3.18 4.21 -14.12
CA SER C 287 1.83 4.19 -14.71
C SER C 287 1.79 4.80 -16.14
N GLU C 288 2.58 5.82 -16.43
CA GLU C 288 2.46 6.54 -17.69
C GLU C 288 3.49 6.13 -18.72
N ILE C 289 4.52 5.38 -18.33
CA ILE C 289 5.57 4.97 -19.23
C ILE C 289 5.64 3.45 -19.08
N PRO C 290 4.98 2.69 -19.98
CA PRO C 290 4.77 1.27 -19.62
C PRO C 290 5.95 0.35 -19.75
N ASN C 291 7.06 0.79 -20.33
CA ASN C 291 8.26 -0.06 -20.44
C ASN C 291 9.32 0.20 -19.30
N VAL C 292 8.94 0.97 -18.28
CA VAL C 292 9.75 1.17 -17.06
C VAL C 292 9.27 0.21 -16.01
N ALA C 293 10.18 -0.64 -15.53
CA ALA C 293 9.84 -1.63 -14.51
C ALA C 293 10.13 -1.07 -13.09
N ARG C 294 11.15 -0.21 -12.98
CA ARG C 294 11.64 0.21 -11.67
C ARG C 294 12.10 1.67 -11.66
N VAL C 295 11.78 2.36 -10.58
CA VAL C 295 12.33 3.66 -10.33
C VAL C 295 13.16 3.65 -9.05
N VAL C 296 14.37 4.23 -9.17
CA VAL C 296 15.29 4.34 -8.10
C VAL C 296 15.75 5.80 -7.92
N PHE C 297 16.23 6.11 -6.70
CA PHE C 297 16.58 7.46 -6.25
C PHE C 297 18.05 7.40 -5.89
N ASP C 298 18.86 8.22 -6.58
CA ASP C 298 20.28 8.22 -6.34
C ASP C 298 20.59 8.89 -4.99
N ILE C 299 21.21 8.13 -4.09
CA ILE C 299 21.53 8.63 -2.75
C ILE C 299 23.05 8.84 -2.53
N THR C 300 23.76 9.08 -3.62
CA THR C 300 25.22 9.32 -3.61
C THR C 300 25.55 10.81 -3.77
N ASP C 301 26.31 11.37 -2.82
CA ASP C 301 26.74 12.75 -2.91
C ASP C 301 28.05 12.83 -3.72
N LYS C 302 28.41 14.07 -4.05
CA LYS C 302 29.60 14.39 -4.84
C LYS C 302 30.57 15.20 -3.95
N PRO C 303 31.77 14.71 -3.73
CA PRO C 303 32.27 13.36 -4.12
C PRO C 303 31.59 12.25 -3.28
N PRO C 304 31.75 10.96 -3.62
CA PRO C 304 32.59 10.44 -4.66
C PRO C 304 31.90 10.38 -6.01
N ALA C 305 30.58 10.65 -6.07
CA ALA C 305 29.85 10.58 -7.34
C ALA C 305 30.04 11.86 -8.18
N THR C 306 29.80 11.76 -9.49
CA THR C 306 29.41 12.93 -10.34
C THR C 306 27.90 13.17 -10.23
N ILE C 307 27.44 14.36 -10.63
CA ILE C 307 26.04 14.65 -10.72
C ILE C 307 25.37 13.81 -11.82
N GLU C 308 25.93 13.84 -13.01
CA GLU C 308 25.44 13.01 -14.09
C GLU C 308 25.86 11.59 -13.83
N PHE C 309 25.15 10.66 -14.48
CA PHE C 309 25.51 9.24 -14.40
C PHE C 309 26.61 8.85 -15.36
N GLU C 310 26.96 9.76 -16.27
CA GLU C 310 27.86 9.44 -17.37
C GLU C 310 28.55 10.71 -17.85
N MET D 1 -2.56 -19.86 24.06
CA MET D 1 -2.45 -20.44 22.68
C MET D 1 -1.32 -21.50 22.68
N PHE D 2 -0.33 -21.37 21.79
CA PHE D 2 0.70 -22.41 21.56
C PHE D 2 1.60 -22.76 22.77
N ASP D 3 1.70 -24.05 23.05
CA ASP D 3 2.48 -24.57 24.15
C ASP D 3 3.68 -25.35 23.54
N PRO D 4 4.83 -24.67 23.33
CA PRO D 4 5.95 -25.34 22.65
C PRO D 4 6.60 -26.52 23.40
N LYS D 5 6.59 -26.48 24.72
CA LYS D 5 7.15 -27.56 25.54
C LYS D 5 6.37 -28.83 25.33
N LYS D 6 5.04 -28.71 25.26
CA LYS D 6 4.19 -29.87 24.97
C LYS D 6 4.30 -30.29 23.50
N PHE D 7 4.31 -29.31 22.61
CA PHE D 7 4.57 -29.62 21.22
C PHE D 7 5.84 -30.48 21.08
N ILE D 8 6.91 -30.11 21.78
CA ILE D 8 8.19 -30.83 21.69
C ILE D 8 8.00 -32.27 22.14
N ASP D 9 7.46 -32.45 23.35
CA ASP D 9 7.25 -33.78 23.94
C ASP D 9 6.59 -34.69 22.90
N GLU D 10 5.43 -34.26 22.43
CA GLU D 10 4.71 -34.93 21.34
C GLU D 10 5.59 -35.19 20.12
N ALA D 11 6.22 -34.14 19.59
CA ALA D 11 6.92 -34.23 18.31
C ALA D 11 8.18 -35.11 18.39
N VAL D 12 8.93 -35.01 19.48
CA VAL D 12 10.01 -35.96 19.74
C VAL D 12 9.49 -37.39 19.75
N GLU D 13 8.31 -37.61 20.34
CA GLU D 13 7.64 -38.94 20.33
C GLU D 13 7.39 -39.40 18.89
N GLU D 14 6.73 -38.53 18.13
CA GLU D 14 6.25 -38.84 16.75
C GLU D 14 7.44 -39.00 15.77
N ILE D 15 8.51 -38.23 15.98
CA ILE D 15 9.74 -38.41 15.18
C ILE D 15 10.43 -39.74 15.51
N LYS D 16 10.56 -40.05 16.81
CA LYS D 16 11.28 -41.28 17.24
C LYS D 16 10.65 -42.54 16.66
N GLN D 17 9.31 -42.61 16.70
CA GLN D 17 8.60 -43.82 16.27
C GLN D 17 8.57 -43.97 14.76
N GLN D 18 8.55 -42.85 14.05
CA GLN D 18 8.61 -42.84 12.58
C GLN D 18 10.01 -43.18 12.03
N ILE D 19 11.07 -42.63 12.59
CA ILE D 19 12.44 -42.80 12.04
C ILE D 19 13.11 -44.07 12.56
N SER D 20 12.78 -44.44 13.80
CA SER D 20 13.29 -45.66 14.46
C SER D 20 14.82 -45.58 14.60
N ASP D 21 15.56 -46.56 14.10
CA ASP D 21 17.02 -46.60 14.25
C ASP D 21 17.79 -46.07 13.00
N ARG D 22 17.07 -45.54 12.02
CA ARG D 22 17.64 -45.22 10.69
C ARG D 22 18.41 -43.88 10.69
N LYS D 23 19.25 -43.73 9.68
CA LYS D 23 20.01 -42.52 9.48
C LYS D 23 19.16 -41.44 8.76
N ALA D 24 19.18 -40.22 9.29
CA ALA D 24 18.39 -39.09 8.79
C ALA D 24 19.29 -38.00 8.24
N ILE D 25 18.75 -37.18 7.35
CA ILE D 25 19.52 -36.09 6.81
C ILE D 25 18.63 -34.90 6.69
N ILE D 26 19.23 -33.74 6.85
CA ILE D 26 18.55 -32.47 6.62
C ILE D 26 19.50 -31.47 5.96
N ALA D 27 18.98 -30.68 5.02
CA ALA D 27 19.67 -29.45 4.57
C ALA D 27 19.38 -28.29 5.50
N LEU D 28 20.44 -27.65 5.96
CA LEU D 28 20.31 -26.42 6.67
C LEU D 28 20.39 -25.20 5.76
N SER D 29 19.25 -24.56 5.56
CA SER D 29 19.15 -23.34 4.76
C SER D 29 19.59 -22.05 5.45
N GLY D 30 19.75 -22.04 6.79
CA GLY D 30 19.90 -20.78 7.55
C GLY D 30 18.57 -20.23 8.03
N GLY D 31 17.47 -20.62 7.41
CA GLY D 31 16.15 -20.12 7.76
C GLY D 31 15.60 -20.85 8.98
N VAL D 32 14.61 -20.21 9.58
CA VAL D 32 14.16 -20.70 10.87
C VAL D 32 13.55 -22.10 10.84
N ASP D 33 12.81 -22.45 9.78
CA ASP D 33 12.05 -23.73 9.67
C ASP D 33 12.95 -24.94 9.61
N SER D 34 13.90 -24.95 8.67
CA SER D 34 14.91 -26.02 8.64
C SER D 34 15.70 -26.01 9.96
N SER D 35 15.94 -24.82 10.54
CA SER D 35 16.76 -24.78 11.78
C SER D 35 16.03 -25.54 12.90
N VAL D 36 14.73 -25.29 13.06
CA VAL D 36 13.92 -25.90 14.11
C VAL D 36 13.75 -27.37 13.84
N ALA D 37 13.48 -27.73 12.59
CA ALA D 37 13.25 -29.14 12.27
C ALA D 37 14.49 -29.98 12.55
N ALA D 38 15.68 -29.42 12.26
CA ALA D 38 16.94 -30.08 12.58
C ALA D 38 17.22 -30.25 14.10
N VAL D 39 16.99 -29.19 14.87
CA VAL D 39 17.25 -29.24 16.32
C VAL D 39 16.22 -30.23 16.96
N LEU D 40 14.96 -30.11 16.58
CA LEU D 40 13.92 -31.00 17.06
C LEU D 40 14.14 -32.48 16.76
N THR D 41 14.51 -32.78 15.53
CA THR D 41 14.89 -34.12 15.16
C THR D 41 16.12 -34.63 15.90
N HIS D 42 17.14 -33.78 16.02
CA HIS D 42 18.35 -34.15 16.78
C HIS D 42 17.98 -34.47 18.24
N LYS D 43 17.03 -33.71 18.80
CA LYS D 43 16.49 -34.04 20.12
C LYS D 43 16.08 -35.51 20.13
N ALA D 44 15.20 -35.87 19.21
CA ALA D 44 14.67 -37.22 19.08
C ALA D 44 15.65 -38.35 18.79
N ILE D 45 16.64 -38.12 17.93
CA ILE D 45 17.50 -39.24 17.47
C ILE D 45 19.02 -38.99 17.52
N GLY D 46 19.46 -37.94 18.21
CA GLY D 46 20.87 -37.64 18.33
C GLY D 46 21.66 -37.63 17.01
N ASP D 47 22.86 -38.22 17.02
CA ASP D 47 23.78 -38.10 15.88
C ASP D 47 23.51 -39.11 14.73
N LYS D 48 22.38 -39.82 14.80
CA LYS D 48 21.79 -40.43 13.59
C LYS D 48 21.36 -39.36 12.56
N LEU D 49 21.01 -38.15 13.04
CA LEU D 49 20.75 -37.02 12.16
C LEU D 49 22.09 -36.42 11.75
N THR D 50 22.30 -36.29 10.44
CA THR D 50 23.34 -35.46 9.83
C THR D 50 22.68 -34.18 9.27
N ALA D 51 23.10 -33.01 9.72
CA ALA D 51 22.68 -31.73 9.17
C ALA D 51 23.71 -31.33 8.11
N VAL D 52 23.26 -30.97 6.89
CA VAL D 52 24.21 -30.57 5.83
C VAL D 52 24.04 -29.06 5.59
N PHE D 53 25.17 -28.33 5.70
CA PHE D 53 25.23 -26.95 5.23
C PHE D 53 26.05 -26.92 3.95
N VAL D 54 25.44 -26.52 2.84
CA VAL D 54 26.18 -26.36 1.59
C VAL D 54 26.59 -24.90 1.49
N ASP D 55 27.89 -24.68 1.45
CA ASP D 55 28.36 -23.33 1.34
C ASP D 55 28.50 -23.10 -0.14
N THR D 56 27.52 -22.39 -0.67
CA THR D 56 27.42 -22.10 -2.11
C THR D 56 28.18 -20.88 -2.49
N GLY D 57 28.55 -20.06 -1.51
CA GLY D 57 29.08 -18.73 -1.72
C GLY D 57 28.01 -17.67 -1.95
N LEU D 58 26.74 -18.05 -1.88
CA LEU D 58 25.65 -17.19 -2.22
C LEU D 58 24.84 -16.81 -0.95
N MET D 59 25.31 -17.17 0.22
CA MET D 59 24.59 -16.84 1.46
C MET D 59 25.06 -15.49 1.99
N ARG D 60 24.31 -14.97 2.94
CA ARG D 60 24.66 -13.73 3.66
C ARG D 60 26.03 -13.85 4.35
N LYS D 61 26.79 -12.77 4.37
CA LYS D 61 28.15 -12.77 5.00
C LYS D 61 28.12 -13.35 6.40
N GLY D 62 29.04 -14.26 6.69
CA GLY D 62 29.13 -14.82 8.04
C GLY D 62 28.23 -16.04 8.28
N GLU D 63 27.51 -16.51 7.24
CA GLU D 63 26.50 -17.58 7.44
C GLU D 63 27.13 -18.90 7.91
N ARG D 64 28.22 -19.31 7.27
CA ARG D 64 28.85 -20.62 7.57
C ARG D 64 29.33 -20.68 9.06
N GLU D 65 30.06 -19.64 9.46
CA GLU D 65 30.49 -19.38 10.84
C GLU D 65 29.29 -19.45 11.81
N GLU D 66 28.20 -18.74 11.48
CA GLU D 66 27.03 -18.78 12.36
C GLU D 66 26.43 -20.22 12.45
N VAL D 67 26.42 -20.96 11.36
CA VAL D 67 25.89 -22.31 11.38
C VAL D 67 26.79 -23.25 12.18
N GLU D 68 28.10 -23.14 11.99
CA GLU D 68 29.07 -23.96 12.72
C GLU D 68 28.99 -23.69 14.23
N LYS D 69 28.96 -22.41 14.61
CA LYS D 69 28.84 -22.04 16.04
C LYS D 69 27.52 -22.50 16.61
N THR D 70 26.40 -22.23 15.92
CA THR D 70 25.07 -22.53 16.51
C THR D 70 24.80 -24.01 16.56
N PHE D 71 24.87 -24.69 15.41
CA PHE D 71 24.41 -26.08 15.33
C PHE D 71 25.42 -27.11 15.85
N ARG D 72 26.70 -26.92 15.52
CA ARG D 72 27.72 -27.86 15.94
C ARG D 72 28.17 -27.64 17.41
N ASP D 73 28.92 -26.57 17.63
CA ASP D 73 29.56 -26.30 18.94
C ASP D 73 28.49 -26.15 20.01
N LYS D 74 27.60 -25.20 19.81
CA LYS D 74 26.56 -24.91 20.79
C LYS D 74 25.49 -25.96 20.96
N LEU D 75 24.85 -26.48 19.88
CA LEU D 75 23.67 -27.32 20.08
C LEU D 75 23.92 -28.83 19.94
N GLY D 76 25.14 -29.22 19.60
CA GLY D 76 25.54 -30.63 19.61
C GLY D 76 25.21 -31.44 18.36
N LEU D 77 24.84 -30.80 17.24
CA LEU D 77 24.42 -31.60 16.06
C LEU D 77 25.63 -32.02 15.28
N ASN D 78 25.44 -33.05 14.51
CA ASN D 78 26.45 -33.62 13.69
C ASN D 78 26.25 -32.89 12.35
N LEU D 79 27.28 -32.16 11.92
CA LEU D 79 27.16 -31.10 10.91
C LEU D 79 28.19 -31.32 9.86
N ILE D 80 27.77 -31.46 8.59
CA ILE D 80 28.70 -31.45 7.50
C ILE D 80 28.60 -30.10 6.72
N VAL D 81 29.74 -29.45 6.57
CA VAL D 81 29.81 -28.20 5.83
C VAL D 81 30.50 -28.55 4.55
N VAL D 82 29.83 -28.35 3.41
CA VAL D 82 30.46 -28.51 2.09
C VAL D 82 30.93 -27.17 1.53
N ASP D 83 32.23 -27.15 1.18
CA ASP D 83 32.80 -26.04 0.42
C ASP D 83 32.52 -26.25 -1.07
N ALA D 84 31.48 -25.58 -1.58
CA ALA D 84 31.10 -25.63 -2.97
C ALA D 84 31.13 -24.25 -3.63
N LYS D 85 31.87 -23.30 -3.05
CA LYS D 85 31.79 -21.92 -3.52
C LYS D 85 32.20 -21.84 -4.98
N ASP D 86 33.36 -22.41 -5.32
CA ASP D 86 33.88 -22.31 -6.71
C ASP D 86 33.03 -23.18 -7.65
N ARG D 87 32.58 -24.32 -7.16
CA ARG D 87 31.74 -25.17 -7.93
C ARG D 87 30.44 -24.43 -8.38
N PHE D 88 29.82 -23.64 -7.48
CA PHE D 88 28.62 -22.82 -7.83
C PHE D 88 29.02 -21.65 -8.72
N LEU D 89 30.12 -20.99 -8.40
CA LEU D 89 30.56 -19.87 -9.22
C LEU D 89 30.82 -20.29 -10.68
N ASN D 90 31.53 -21.41 -10.82
CA ASN D 90 31.87 -22.02 -12.09
C ASN D 90 30.60 -22.41 -12.85
N ALA D 91 29.66 -23.07 -12.19
CA ALA D 91 28.40 -23.46 -12.84
C ALA D 91 27.60 -22.22 -13.34
N LEU D 92 27.76 -21.09 -12.69
CA LEU D 92 27.10 -19.85 -13.09
C LEU D 92 27.82 -19.02 -14.15
N LYS D 93 28.99 -19.42 -14.57
CA LYS D 93 29.79 -18.60 -15.43
C LYS D 93 29.11 -18.38 -16.76
N GLY D 94 29.13 -17.13 -17.21
CA GLY D 94 28.48 -16.72 -18.43
C GLY D 94 26.95 -16.76 -18.45
N VAL D 95 26.29 -17.03 -17.33
CA VAL D 95 24.84 -17.15 -17.36
C VAL D 95 24.28 -15.83 -16.92
N THR D 96 23.50 -15.20 -17.79
CA THR D 96 22.80 -13.93 -17.49
C THR D 96 21.31 -14.06 -17.27
N ASP D 97 20.70 -15.08 -17.83
CA ASP D 97 19.28 -15.29 -17.75
C ASP D 97 18.90 -15.70 -16.30
N PRO D 98 18.01 -14.95 -15.66
CA PRO D 98 17.63 -15.28 -14.26
C PRO D 98 16.98 -16.61 -14.00
N GLU D 99 16.17 -17.09 -14.93
CA GLU D 99 15.53 -18.37 -14.77
C GLU D 99 16.54 -19.52 -14.91
N GLU D 100 17.55 -19.33 -15.74
CA GLU D 100 18.62 -20.29 -15.85
C GLU D 100 19.45 -20.28 -14.56
N LYS D 101 19.75 -19.08 -14.04
CA LYS D 101 20.46 -18.99 -12.75
C LYS D 101 19.72 -19.81 -11.70
N ARG D 102 18.40 -19.60 -11.62
CA ARG D 102 17.63 -20.31 -10.63
C ARG D 102 17.64 -21.85 -10.80
N LYS D 103 17.56 -22.33 -12.02
CA LYS D 103 17.46 -23.76 -12.26
C LYS D 103 18.82 -24.38 -12.03
N ILE D 104 19.84 -23.72 -12.55
CA ILE D 104 21.22 -24.17 -12.29
C ILE D 104 21.56 -24.29 -10.78
N ILE D 105 21.21 -23.27 -9.98
CA ILE D 105 21.53 -23.32 -8.52
C ILE D 105 20.71 -24.41 -7.81
N GLY D 106 19.44 -24.52 -8.12
CA GLY D 106 18.55 -25.54 -7.54
C GLY D 106 18.98 -26.98 -7.84
N LYS D 107 19.39 -27.24 -9.06
CA LYS D 107 19.87 -28.57 -9.43
C LYS D 107 21.24 -28.85 -8.79
N LEU D 108 22.17 -27.92 -8.90
CA LEU D 108 23.53 -28.14 -8.32
C LEU D 108 23.43 -28.36 -6.84
N PHE D 109 22.52 -27.65 -6.15
CA PHE D 109 22.34 -27.87 -4.76
C PHE D 109 21.95 -29.35 -4.46
N ILE D 110 21.01 -29.87 -5.23
CA ILE D 110 20.52 -31.21 -5.03
C ILE D 110 21.61 -32.25 -5.31
N ASP D 111 22.34 -32.05 -6.40
CA ASP D 111 23.55 -32.83 -6.63
C ASP D 111 24.52 -32.86 -5.46
N VAL D 112 24.82 -31.70 -4.89
CA VAL D 112 25.75 -31.67 -3.77
C VAL D 112 25.16 -32.48 -2.62
N PHE D 113 23.86 -32.30 -2.38
CA PHE D 113 23.21 -32.89 -1.23
C PHE D 113 23.11 -34.40 -1.38
N GLU D 114 22.93 -34.82 -2.64
CA GLU D 114 22.82 -36.19 -3.02
C GLU D 114 24.15 -36.92 -2.81
N GLU D 115 25.26 -36.29 -3.17
CA GLU D 115 26.61 -36.77 -2.87
C GLU D 115 26.77 -37.09 -1.35
N ILE D 116 26.40 -36.14 -0.50
CA ILE D 116 26.47 -36.35 0.95
C ILE D 116 25.50 -37.46 1.41
N ALA D 117 24.24 -37.44 0.97
CA ALA D 117 23.31 -38.47 1.37
C ALA D 117 23.78 -39.87 0.93
N GLU D 118 24.43 -39.96 -0.24
CA GLU D 118 25.01 -41.22 -0.71
C GLU D 118 26.21 -41.61 0.19
N ASP D 119 27.14 -40.68 0.43
CA ASP D 119 28.26 -40.88 1.38
C ASP D 119 27.84 -41.47 2.72
N ILE D 120 26.80 -40.92 3.33
CA ILE D 120 26.35 -41.37 4.68
C ILE D 120 25.27 -42.44 4.67
N LYS D 121 24.89 -42.92 3.50
CA LYS D 121 23.84 -43.92 3.39
C LYS D 121 22.62 -43.54 4.22
N ALA D 122 22.08 -42.32 3.98
CA ALA D 122 20.83 -41.91 4.63
C ALA D 122 19.64 -42.65 4.06
N GLU D 123 18.61 -42.80 4.91
CA GLU D 123 17.29 -43.38 4.59
C GLU D 123 16.08 -42.47 4.90
N VAL D 124 16.24 -41.48 5.77
CA VAL D 124 15.17 -40.51 6.01
C VAL D 124 15.62 -39.07 5.67
N LEU D 125 14.73 -38.30 5.07
CA LEU D 125 14.92 -36.88 4.76
C LEU D 125 14.01 -36.12 5.66
N VAL D 126 14.59 -35.24 6.48
CA VAL D 126 13.76 -34.36 7.29
C VAL D 126 13.64 -33.06 6.52
N GLN D 127 12.44 -32.50 6.42
CA GLN D 127 12.24 -31.13 5.90
C GLN D 127 11.46 -30.28 6.88
N GLY D 128 11.61 -28.96 6.80
CA GLY D 128 10.92 -28.01 7.70
C GLY D 128 9.63 -27.40 7.19
N THR D 129 8.96 -28.13 6.31
CA THR D 129 7.73 -27.67 5.78
C THR D 129 6.76 -27.37 6.93
N ILE D 130 6.14 -26.20 6.85
CA ILE D 130 5.16 -25.67 7.80
C ILE D 130 3.70 -25.62 7.21
N ALA D 131 2.70 -25.24 8.02
CA ALA D 131 1.27 -25.29 7.60
C ALA D 131 0.97 -24.56 6.28
N PRO D 132 1.37 -23.27 6.16
CA PRO D 132 1.18 -22.53 4.88
C PRO D 132 1.98 -23.01 3.62
N ASP D 133 2.90 -23.97 3.76
CA ASP D 133 3.54 -24.66 2.60
C ASP D 133 2.80 -25.95 2.21
N TRP D 134 2.13 -26.60 3.18
CA TRP D 134 1.40 -27.88 3.01
C TRP D 134 0.93 -28.40 4.36
N HIS D 145 5.19 -41.48 2.68
CA HIS D 145 5.55 -40.41 1.75
C HIS D 145 7.07 -40.39 1.54
N ASN D 146 7.49 -40.84 0.34
CA ASN D 146 8.90 -40.96 -0.06
C ASN D 146 9.31 -39.97 -1.15
N VAL D 147 10.60 -39.89 -1.40
CA VAL D 147 11.12 -39.02 -2.43
C VAL D 147 12.44 -39.63 -2.98
N ALA D 148 12.64 -39.50 -4.30
CA ALA D 148 13.78 -40.11 -5.00
C ALA D 148 14.73 -39.03 -5.54
N LEU D 149 16.02 -39.20 -5.28
CA LEU D 149 16.99 -38.22 -5.71
C LEU D 149 17.36 -38.54 -7.14
N PRO D 150 17.89 -37.57 -7.93
CA PRO D 150 18.25 -37.83 -9.33
C PRO D 150 18.88 -39.18 -9.66
N HIS D 151 19.81 -39.66 -8.85
CA HIS D 151 20.60 -40.84 -9.22
C HIS D 151 20.12 -42.10 -8.50
N GLY D 152 18.89 -42.06 -7.99
CA GLY D 152 18.21 -43.28 -7.59
C GLY D 152 17.87 -43.46 -6.13
N MET D 153 18.63 -42.87 -5.22
CA MET D 153 18.34 -43.01 -3.80
C MET D 153 16.95 -42.47 -3.42
N VAL D 154 16.26 -43.26 -2.63
CA VAL D 154 14.90 -42.97 -2.20
C VAL D 154 14.96 -42.76 -0.69
N LEU D 155 14.26 -41.75 -0.21
CA LEU D 155 14.35 -41.31 1.16
C LEU D 155 12.96 -41.09 1.65
N GLU D 156 12.67 -41.63 2.83
CA GLU D 156 11.39 -41.36 3.45
C GLU D 156 11.38 -39.91 3.98
N VAL D 157 10.28 -39.19 3.81
CA VAL D 157 10.22 -37.78 4.21
C VAL D 157 9.50 -37.61 5.55
N VAL D 158 10.18 -36.95 6.52
CA VAL D 158 9.56 -36.56 7.81
C VAL D 158 9.45 -35.03 7.89
N GLU D 159 8.25 -34.56 8.22
CA GLU D 159 7.89 -33.15 8.23
C GLU D 159 7.24 -32.78 9.56
N PRO D 160 8.04 -32.67 10.63
CA PRO D 160 7.53 -32.46 11.98
C PRO D 160 6.78 -31.17 12.20
N LEU D 161 7.15 -30.14 11.45
CA LEU D 161 6.51 -28.84 11.54
C LEU D 161 5.27 -28.69 10.67
N ARG D 162 4.86 -29.76 9.96
CA ARG D 162 3.50 -29.89 9.27
C ARG D 162 2.40 -28.92 9.70
N GLU D 163 2.08 -28.99 10.99
CA GLU D 163 0.86 -28.38 11.53
C GLU D 163 1.00 -26.94 12.09
N LEU D 164 2.19 -26.35 11.94
CA LEU D 164 2.50 -25.10 12.63
C LEU D 164 2.49 -23.94 11.69
N TYR D 165 2.16 -22.79 12.25
CA TYR D 165 2.32 -21.51 11.59
C TYR D 165 3.66 -20.91 12.01
N LYS D 166 4.04 -19.86 11.31
CA LYS D 166 5.39 -19.29 11.40
C LYS D 166 5.74 -18.84 12.83
N ASP D 167 4.78 -18.17 13.47
CA ASP D 167 4.92 -17.70 14.85
C ASP D 167 5.12 -18.85 15.86
N GLU D 168 4.41 -19.96 15.65
CA GLU D 168 4.55 -21.09 16.54
C GLU D 168 5.95 -21.69 16.41
N VAL D 169 6.44 -21.71 15.17
CA VAL D 169 7.75 -22.22 14.87
C VAL D 169 8.80 -21.40 15.57
N ARG D 170 8.64 -20.08 15.57
CA ARG D 170 9.56 -19.17 16.28
C ARG D 170 9.58 -19.32 17.82
N LEU D 171 8.39 -19.45 18.42
CA LEU D 171 8.27 -19.81 19.84
C LEU D 171 9.00 -21.11 20.16
N LEU D 172 8.79 -22.08 19.27
CA LEU D 172 9.45 -23.37 19.34
C LEU D 172 10.98 -23.27 19.27
N ALA D 173 11.46 -22.35 18.43
CA ALA D 173 12.91 -22.19 18.20
C ALA D 173 13.64 -21.69 19.45
N LYS D 174 12.98 -20.78 20.13
CA LYS D 174 13.51 -20.22 21.38
C LYS D 174 13.70 -21.29 22.46
N GLU D 175 12.63 -22.01 22.72
CA GLU D 175 12.63 -23.18 23.62
C GLU D 175 13.72 -24.19 23.31
N LEU D 176 14.10 -24.31 22.04
CA LEU D 176 15.14 -25.24 21.61
C LEU D 176 16.57 -24.66 21.63
N GLY D 177 16.70 -23.37 21.93
CA GLY D 177 18.02 -22.73 22.17
C GLY D 177 18.60 -22.03 20.95
N LEU D 178 17.75 -21.84 19.94
CA LEU D 178 18.15 -21.15 18.74
C LEU D 178 18.14 -19.67 19.01
N PRO D 179 19.14 -18.96 18.50
CA PRO D 179 19.30 -17.55 18.74
C PRO D 179 18.41 -16.63 17.92
N ASP D 180 18.12 -15.47 18.51
CA ASP D 180 17.28 -14.43 17.91
C ASP D 180 17.67 -14.05 16.48
N SER D 181 18.97 -14.00 16.22
CA SER D 181 19.55 -13.80 14.93
C SER D 181 18.96 -14.70 13.84
N ILE D 182 18.98 -16.00 14.06
CA ILE D 182 18.35 -16.96 13.16
C ILE D 182 16.82 -16.88 13.22
N VAL D 183 16.27 -16.81 14.42
CA VAL D 183 14.83 -16.92 14.60
C VAL D 183 14.01 -15.82 13.98
N TYR D 184 14.45 -14.58 14.05
CA TYR D 184 13.63 -13.47 13.53
C TYR D 184 14.26 -12.84 12.26
N ARG D 185 15.22 -13.54 11.65
CA ARG D 185 15.86 -13.05 10.42
C ARG D 185 14.90 -12.98 9.24
N GLN D 186 15.12 -11.99 8.39
CA GLN D 186 14.35 -11.79 7.18
C GLN D 186 14.49 -12.97 6.27
N PRO D 187 13.45 -13.21 5.47
CA PRO D 187 13.56 -14.33 4.58
C PRO D 187 14.61 -14.08 3.49
N PHE D 188 15.23 -15.14 3.08
CA PHE D 188 16.35 -15.11 2.17
C PHE D 188 16.06 -16.10 1.03
N PRO D 189 16.13 -15.65 -0.24
CA PRO D 189 15.72 -16.55 -1.32
C PRO D 189 16.64 -17.79 -1.47
N GLY D 190 16.13 -18.94 -1.89
CA GLY D 190 16.96 -20.09 -2.16
C GLY D 190 18.23 -19.80 -3.00
N PRO D 191 18.15 -19.06 -4.10
CA PRO D 191 19.42 -18.72 -4.81
C PRO D 191 20.27 -17.59 -4.25
N GLY D 192 19.86 -17.06 -3.10
CA GLY D 192 20.64 -16.10 -2.39
C GLY D 192 21.11 -14.92 -3.25
N LEU D 193 22.38 -14.58 -3.09
CA LEU D 193 22.96 -13.43 -3.79
C LEU D 193 22.99 -13.52 -5.33
N ALA D 194 22.79 -14.71 -5.84
CA ALA D 194 22.79 -14.88 -7.28
C ALA D 194 21.67 -14.09 -7.95
N VAL D 195 20.53 -13.90 -7.26
CA VAL D 195 19.46 -13.11 -7.83
C VAL D 195 19.57 -11.65 -7.41
N ARG D 196 20.50 -11.32 -6.49
CA ARG D 196 20.87 -9.98 -6.08
C ARG D 196 22.16 -9.47 -6.77
N VAL D 197 22.57 -10.21 -7.79
CA VAL D 197 23.70 -9.82 -8.71
C VAL D 197 23.14 -10.01 -10.08
N LEU D 198 22.75 -8.90 -10.71
CA LEU D 198 22.08 -8.95 -11.97
C LEU D 198 23.12 -9.17 -13.02
N GLY D 199 22.74 -9.86 -14.08
CA GLY D 199 23.68 -10.27 -15.09
C GLY D 199 24.50 -11.45 -14.60
N GLU D 200 25.72 -11.55 -15.14
CA GLU D 200 26.62 -12.57 -14.77
C GLU D 200 27.01 -12.42 -13.32
N VAL D 201 26.98 -13.52 -12.58
CA VAL D 201 27.50 -13.57 -11.25
C VAL D 201 29.03 -13.86 -11.19
N THR D 202 29.81 -12.81 -11.33
CA THR D 202 31.26 -12.90 -11.10
C THR D 202 31.59 -12.76 -9.63
N GLU D 203 32.80 -13.24 -9.34
CA GLU D 203 33.40 -13.09 -8.02
C GLU D 203 33.55 -11.61 -7.61
N GLU D 204 33.95 -10.76 -8.54
CA GLU D 204 33.96 -9.30 -8.22
C GLU D 204 32.55 -8.82 -7.69
N LYS D 205 31.52 -9.01 -8.50
CA LYS D 205 30.14 -8.53 -8.21
C LYS D 205 29.55 -9.17 -6.98
N LEU D 206 29.80 -10.48 -6.79
CA LEU D 206 29.34 -11.22 -5.63
C LEU D 206 29.93 -10.67 -4.31
N ASN D 207 31.24 -10.38 -4.31
CA ASN D 207 31.91 -9.84 -3.15
C ASN D 207 31.32 -8.48 -2.83
N ILE D 208 31.12 -7.66 -3.86
CA ILE D 208 30.46 -6.36 -3.62
C ILE D 208 29.11 -6.57 -2.92
N CYS D 209 28.32 -7.48 -3.50
CA CYS D 209 26.96 -7.73 -3.00
C CYS D 209 26.91 -8.19 -1.58
N ARG D 210 27.80 -9.15 -1.30
CA ARG D 210 27.94 -9.67 0.04
C ARG D 210 28.27 -8.58 1.06
N GLU D 211 29.25 -7.74 0.71
CA GLU D 211 29.74 -6.74 1.63
C GLU D 211 28.67 -5.62 1.80
N ALA D 212 27.96 -5.31 0.71
CA ALA D 212 26.90 -4.26 0.71
C ALA D 212 25.71 -4.70 1.56
N ASN D 213 25.41 -5.99 1.49
CA ASN D 213 24.30 -6.54 2.30
C ASN D 213 24.67 -6.55 3.76
N ALA D 214 25.91 -6.89 4.09
CA ALA D 214 26.38 -6.80 5.49
C ALA D 214 26.20 -5.37 6.07
N ILE D 215 26.61 -4.37 5.30
CA ILE D 215 26.36 -2.98 5.68
C ILE D 215 24.90 -2.68 5.93
N VAL D 216 24.03 -3.09 4.98
CA VAL D 216 22.62 -2.78 5.09
C VAL D 216 22.05 -3.41 6.35
N GLU D 217 22.41 -4.66 6.61
CA GLU D 217 21.91 -5.33 7.79
C GLU D 217 22.33 -4.66 9.12
N GLU D 218 23.61 -4.29 9.22
CA GLU D 218 24.17 -3.70 10.42
C GLU D 218 23.51 -2.35 10.68
N GLU D 219 23.36 -1.54 9.65
CA GLU D 219 22.76 -0.23 9.82
C GLU D 219 21.28 -0.33 10.10
N VAL D 220 20.55 -1.19 9.39
CA VAL D 220 19.07 -1.33 9.61
C VAL D 220 18.77 -1.79 11.07
N LYS D 221 19.58 -2.74 11.53
CA LYS D 221 19.48 -3.23 12.88
C LYS D 221 19.84 -2.17 13.93
N LYS D 222 20.94 -1.46 13.73
CA LYS D 222 21.29 -0.31 14.59
C LYS D 222 20.19 0.79 14.63
N ALA D 223 19.41 0.95 13.56
CA ALA D 223 18.36 1.98 13.50
C ALA D 223 17.06 1.40 14.02
N ASN D 224 17.10 0.16 14.48
CA ASN D 224 15.92 -0.54 15.06
C ASN D 224 14.72 -0.60 14.10
N LEU D 225 15.04 -0.96 12.85
CA LEU D 225 14.09 -1.11 11.77
C LEU D 225 13.98 -2.52 11.27
N ASP D 226 14.86 -3.39 11.73
CA ASP D 226 14.86 -4.80 11.36
C ASP D 226 13.57 -5.51 11.69
N LYS D 227 12.88 -5.15 12.77
CA LYS D 227 11.58 -5.77 13.07
C LYS D 227 10.40 -5.23 12.23
N ASP D 228 10.42 -3.94 11.85
CA ASP D 228 9.32 -3.36 11.09
C ASP D 228 9.35 -3.69 9.57
N LEU D 229 10.52 -3.95 9.02
CA LEU D 229 10.68 -4.27 7.61
C LEU D 229 10.50 -5.76 7.32
N TRP D 230 9.79 -6.08 6.24
CA TRP D 230 9.73 -7.43 5.69
C TRP D 230 11.10 -7.89 5.17
N GLN D 231 11.65 -7.11 4.26
CA GLN D 231 13.02 -7.41 3.71
C GLN D 231 13.82 -6.16 3.52
N TYR D 232 15.17 -6.30 3.56
CA TYR D 232 16.08 -5.16 3.36
C TYR D 232 17.45 -5.67 2.92
N PHE D 233 17.89 -5.29 1.74
CA PHE D 233 19.06 -5.88 1.10
C PHE D 233 19.57 -5.00 0.00
N ALA D 234 20.70 -5.42 -0.56
CA ALA D 234 21.38 -4.69 -1.62
C ALA D 234 21.51 -5.56 -2.83
N VAL D 235 21.57 -4.91 -3.99
CA VAL D 235 21.67 -5.60 -5.24
C VAL D 235 22.74 -4.87 -6.03
N VAL D 236 23.56 -5.64 -6.76
CA VAL D 236 24.48 -5.09 -7.75
C VAL D 236 23.81 -5.15 -9.11
N LEU D 237 23.52 -3.99 -9.71
CA LEU D 237 22.95 -3.89 -11.01
C LEU D 237 24.09 -4.14 -11.99
N ASP D 238 23.80 -4.62 -13.21
CA ASP D 238 24.85 -4.73 -14.26
C ASP D 238 24.86 -3.50 -15.16
N CYS D 239 25.15 -2.39 -14.54
CA CYS D 239 25.27 -1.14 -15.23
C CYS D 239 26.16 -0.32 -14.32
N LYS D 240 26.70 0.74 -14.90
CA LYS D 240 27.78 1.50 -14.29
C LYS D 240 27.52 2.98 -14.46
N ALA D 241 28.13 3.75 -13.59
CA ALA D 241 28.01 5.17 -13.50
C ALA D 241 29.38 5.74 -13.17
N THR D 242 29.49 7.07 -13.34
CA THR D 242 30.69 7.81 -13.06
C THR D 242 30.81 8.31 -11.61
N GLY D 243 32.06 8.35 -11.17
CA GLY D 243 32.47 8.97 -9.91
C GLY D 243 33.78 9.71 -10.14
N VAL D 244 34.18 10.52 -9.14
CA VAL D 244 35.42 11.33 -9.21
C VAL D 244 36.50 10.83 -8.27
N ASP D 247 40.06 13.52 -7.89
CA ASP D 247 41.03 13.67 -8.98
C ASP D 247 40.71 12.83 -10.22
N GLU D 248 40.58 11.52 -10.03
CA GLU D 248 40.35 10.57 -11.15
C GLU D 248 38.85 10.35 -11.40
N ARG D 249 38.45 10.30 -12.69
CA ARG D 249 37.04 10.13 -13.14
C ARG D 249 36.58 8.67 -13.46
N GLU D 250 36.72 7.78 -12.47
CA GLU D 250 36.25 6.38 -12.49
C GLU D 250 34.80 6.08 -12.94
N TYR D 251 34.63 4.86 -13.38
CA TYR D 251 33.44 4.34 -13.95
C TYR D 251 33.20 2.96 -13.29
N ASN D 252 32.18 2.84 -12.42
CA ASN D 252 31.98 1.60 -11.68
C ASN D 252 30.51 1.24 -11.36
N TRP D 253 30.33 0.05 -10.80
CA TRP D 253 29.01 -0.56 -10.54
C TRP D 253 28.09 0.29 -9.73
N ILE D 254 26.83 0.21 -10.12
CA ILE D 254 25.76 0.76 -9.34
C ILE D 254 25.21 -0.30 -8.42
N VAL D 255 25.05 0.03 -7.13
CA VAL D 255 24.40 -0.84 -6.15
C VAL D 255 23.03 -0.21 -5.82
N ALA D 256 21.98 -1.04 -5.78
CA ALA D 256 20.64 -0.59 -5.37
C ALA D 256 20.28 -1.13 -4.04
N LEU D 257 19.62 -0.31 -3.21
CA LEU D 257 19.11 -0.82 -1.95
C LEU D 257 17.64 -1.08 -2.08
N ARG D 258 17.19 -2.13 -1.40
CA ARG D 258 15.82 -2.53 -1.49
C ARG D 258 15.27 -2.72 -0.08
N MET D 259 14.25 -1.91 0.29
CA MET D 259 13.61 -2.00 1.61
C MET D 259 12.13 -1.87 1.44
N VAL D 260 11.43 -2.81 2.03
CA VAL D 260 10.04 -2.93 1.76
C VAL D 260 9.37 -3.40 3.08
N LYS D 261 8.15 -2.93 3.27
CA LYS D 261 7.19 -3.49 4.23
C LYS D 261 6.14 -4.33 3.50
N SER D 262 5.69 -5.40 4.16
CA SER D 262 4.80 -6.35 3.51
C SER D 262 4.30 -7.27 4.53
N LEU D 263 3.13 -7.82 4.28
CA LEU D 263 2.54 -8.80 5.18
C LEU D 263 2.92 -10.18 4.79
N ASP D 264 3.01 -10.42 3.49
CA ASP D 264 3.32 -11.77 3.03
C ASP D 264 4.08 -11.87 1.72
N ALA D 265 4.67 -10.76 1.25
CA ALA D 265 5.38 -10.73 -0.02
C ALA D 265 4.52 -10.70 -1.28
N MET D 266 3.22 -10.92 -1.21
CA MET D 266 2.39 -10.86 -2.43
C MET D 266 2.14 -9.40 -2.89
N THR D 267 1.96 -8.49 -1.92
CA THR D 267 2.05 -7.05 -2.15
C THR D 267 3.14 -6.55 -1.21
N ALA D 268 3.76 -5.43 -1.57
CA ALA D 268 4.74 -4.76 -0.71
C ALA D 268 4.72 -3.26 -1.01
N HIS D 269 5.15 -2.45 -0.04
CA HIS D 269 5.45 -1.05 -0.31
C HIS D 269 6.75 -0.56 0.33
N VAL D 270 7.23 0.56 -0.16
CA VAL D 270 8.40 1.17 0.35
C VAL D 270 7.94 2.19 1.35
N PRO D 271 8.24 1.98 2.65
CA PRO D 271 7.94 3.04 3.64
C PRO D 271 8.99 4.17 3.61
N GLU D 272 8.72 5.24 4.35
CA GLU D 272 9.67 6.30 4.55
C GLU D 272 10.75 5.78 5.48
N ILE D 273 11.92 5.57 4.94
CA ILE D 273 13.09 5.21 5.68
C ILE D 273 13.80 6.53 6.04
N PRO D 274 14.24 6.70 7.31
CA PRO D 274 14.90 7.97 7.67
C PRO D 274 16.06 8.30 6.73
N PHE D 275 16.05 9.55 6.26
CA PHE D 275 16.93 9.93 5.23
C PHE D 275 18.36 9.71 5.62
N ASP D 276 18.72 10.14 6.83
CA ASP D 276 20.08 10.05 7.33
C ASP D 276 20.59 8.57 7.34
N LEU D 277 19.72 7.60 7.66
CA LEU D 277 20.05 6.19 7.52
C LEU D 277 20.42 5.83 6.08
N LEU D 278 19.59 6.24 5.12
CA LEU D 278 19.93 6.00 3.70
C LEU D 278 21.29 6.58 3.34
N LYS D 279 21.50 7.84 3.70
CA LYS D 279 22.74 8.53 3.30
C LYS D 279 23.94 7.86 3.97
N ARG D 280 23.76 7.37 5.18
CA ARG D 280 24.80 6.69 5.93
C ARG D 280 25.17 5.34 5.31
N ILE D 281 24.17 4.52 4.96
CA ILE D 281 24.45 3.24 4.24
C ILE D 281 25.18 3.50 2.93
N SER D 282 24.71 4.51 2.20
CA SER D 282 25.31 4.86 0.92
C SER D 282 26.83 5.21 1.06
N LYS D 283 27.12 6.01 2.07
CA LYS D 283 28.46 6.48 2.33
C LYS D 283 29.36 5.34 2.79
N ARG D 284 28.91 4.51 3.73
CA ARG D 284 29.61 3.26 4.09
C ARG D 284 29.86 2.42 2.88
N ILE D 285 28.87 2.20 2.01
CA ILE D 285 29.11 1.45 0.81
C ILE D 285 30.25 2.00 -0.08
N THR D 286 30.17 3.28 -0.47
CA THR D 286 31.16 3.81 -1.43
C THR D 286 32.56 3.99 -0.80
N SER D 287 32.62 4.19 0.52
CA SER D 287 33.91 4.43 1.17
C SER D 287 34.61 3.07 1.55
N GLU D 288 33.82 2.04 1.89
CA GLU D 288 34.29 0.70 2.29
C GLU D 288 34.35 -0.38 1.21
N ILE D 289 33.64 -0.21 0.09
CA ILE D 289 33.59 -1.27 -0.93
C ILE D 289 34.11 -0.71 -2.17
N PRO D 290 35.33 -1.15 -2.56
CA PRO D 290 35.92 -0.72 -3.83
C PRO D 290 35.10 -1.15 -5.06
N ASN D 291 35.09 -0.29 -6.06
CA ASN D 291 34.42 -0.56 -7.31
C ASN D 291 32.89 -0.34 -7.26
N VAL D 292 32.36 0.36 -6.26
CA VAL D 292 30.97 0.87 -6.31
C VAL D 292 31.02 2.36 -6.63
N ALA D 293 30.49 2.75 -7.78
CA ALA D 293 30.35 4.16 -8.11
C ALA D 293 29.06 4.89 -7.60
N ARG D 294 27.94 4.19 -7.50
CA ARG D 294 26.69 4.84 -7.10
C ARG D 294 25.86 3.89 -6.26
N VAL D 295 25.09 4.48 -5.35
CA VAL D 295 24.10 3.76 -4.54
C VAL D 295 22.76 4.43 -4.83
N VAL D 296 21.76 3.61 -5.11
CA VAL D 296 20.43 4.08 -5.43
C VAL D 296 19.45 3.34 -4.53
N PHE D 297 18.33 3.98 -4.25
CA PHE D 297 17.31 3.41 -3.40
C PHE D 297 16.03 3.14 -4.24
N ASP D 298 15.53 1.91 -4.18
CA ASP D 298 14.37 1.55 -4.96
C ASP D 298 13.10 2.10 -4.30
N ILE D 299 12.39 2.96 -5.04
CA ILE D 299 11.11 3.55 -4.63
C ILE D 299 9.88 3.00 -5.40
N THR D 300 9.90 1.71 -5.72
CA THR D 300 8.81 1.07 -6.47
C THR D 300 8.17 0.06 -5.55
N ASP D 301 6.88 0.24 -5.34
CA ASP D 301 6.04 -0.72 -4.67
C ASP D 301 5.76 -1.95 -5.55
N LYS D 302 5.30 -3.03 -4.90
CA LYS D 302 4.81 -4.25 -5.54
C LYS D 302 3.28 -4.29 -5.36
N PRO D 303 2.47 -4.25 -6.43
CA PRO D 303 2.78 -3.94 -7.77
C PRO D 303 3.19 -2.47 -7.85
N PRO D 304 3.85 -2.08 -8.95
CA PRO D 304 4.16 -2.88 -10.15
C PRO D 304 5.52 -3.64 -10.22
N ALA D 305 6.41 -3.45 -9.24
CA ALA D 305 7.68 -4.12 -9.16
C ALA D 305 7.51 -5.43 -8.45
N THR D 306 8.45 -6.33 -8.67
CA THR D 306 8.62 -7.43 -7.74
C THR D 306 9.49 -6.89 -6.58
N ILE D 307 9.68 -7.70 -5.56
CA ILE D 307 10.60 -7.36 -4.48
C ILE D 307 12.05 -7.43 -4.99
N GLU D 308 12.41 -8.63 -5.47
CA GLU D 308 13.73 -8.87 -6.11
C GLU D 308 13.88 -8.09 -7.37
N PHE D 309 15.10 -7.98 -7.86
CA PHE D 309 15.37 -7.22 -9.05
C PHE D 309 15.31 -8.13 -10.27
N GLU D 310 15.33 -9.46 -10.09
CA GLU D 310 15.17 -10.38 -11.18
C GLU D 310 14.63 -11.68 -10.60
#